data_6B2Y
#
_entry.id   6B2Y
#
_cell.length_a   46.371
_cell.length_b   97.012
_cell.length_c   74.284
_cell.angle_alpha   90.00
_cell.angle_beta   100.69
_cell.angle_gamma   90.00
#
_symmetry.space_group_name_H-M   'P 1 21 1'
#
loop_
_entity.id
_entity.type
_entity.pdbx_description
1 polymer 'Solute-binding periplasmic protein of iron/siderophore ABC transporter'
2 non-polymer 'SODIUM ION'
3 water water
#
_entity_poly.entity_id   1
_entity_poly.type   'polypeptide(L)'
_entity_poly.pdbx_seq_one_letter_code
;MGTGKGFGVKCVSLKMAKGLTISLLFGWALMAGSSALAATVTDMAGRTVTIPAKVERILLGEGRLFYAVSLLEGNKPLDR
IVGWQGDFRKLDPQTYAIYKAKFPQIDQIPLIGNTTADSISPEKVLTLNPDIAIFGLSGHGPGKGSELVKQLEKAGVPVV
FVDFRNSPLKNTLPSMRLLGKALHREQQAENYINFYQDNVDKVTDITNKIPEDKKPSVFIELRAGASEECCGTAGKGNMG
DFIDQAGGNNIAKNLLPGSLGTVNLEKVLAAKPDIYIASGGKSPGSDAPGVVLGAQVTPEQAQASLQKILGRKGINTLSA
VNTGHSYAIWHNYYNSPYNVLAIQSFAKWFYPEQFADLDPKKTMDSLYSQFLAVEPSGTYWIEAKRELDLEHHHHHHHHH
H
;
_entity_poly.pdbx_strand_id   A,B
#
# COMPACT_ATOMS: atom_id res chain seq x y z
N ALA A 39 2.25 -12.39 -15.75
CA ALA A 39 2.73 -13.71 -15.43
C ALA A 39 3.88 -13.66 -14.43
N THR A 40 4.23 -12.45 -13.97
CA THR A 40 5.22 -12.32 -12.91
C THR A 40 4.60 -11.63 -11.69
N VAL A 41 5.32 -11.71 -10.58
CA VAL A 41 5.10 -10.85 -9.41
C VAL A 41 6.43 -10.24 -9.02
N THR A 42 6.38 -9.03 -8.46
CA THR A 42 7.53 -8.46 -7.78
C THR A 42 7.30 -8.69 -6.29
N ASP A 43 8.23 -9.41 -5.63
CA ASP A 43 7.94 -9.78 -4.25
C ASP A 43 8.52 -8.76 -3.27
N MET A 44 8.43 -9.06 -1.97
CA MET A 44 8.82 -8.06 -0.97
C MET A 44 10.32 -7.90 -0.87
N ALA A 45 11.08 -8.80 -1.48
CA ALA A 45 12.53 -8.63 -1.63
C ALA A 45 12.89 -7.86 -2.89
N GLY A 46 11.91 -7.50 -3.72
CA GLY A 46 12.17 -6.86 -4.98
C GLY A 46 12.54 -7.79 -6.10
N ARG A 47 12.48 -9.10 -5.86
CA ARG A 47 12.73 -10.08 -6.91
C ARG A 47 11.54 -10.17 -7.85
N THR A 48 11.82 -10.49 -9.11
CA THR A 48 10.77 -10.69 -10.09
C THR A 48 10.68 -12.18 -10.38
N VAL A 49 9.49 -12.74 -10.19
CA VAL A 49 9.25 -14.17 -10.12
C VAL A 49 8.12 -14.51 -11.09
N THR A 50 8.37 -15.46 -11.99
CA THR A 50 7.29 -15.94 -12.85
C THR A 50 6.38 -16.91 -12.09
N ILE A 51 5.07 -16.71 -12.21
CA ILE A 51 4.07 -17.45 -11.46
C ILE A 51 3.21 -18.23 -12.45
N PRO A 52 2.94 -19.51 -12.24
CA PRO A 52 2.04 -20.24 -13.14
C PRO A 52 0.60 -19.73 -13.02
N ALA A 53 -0.13 -19.80 -14.13
CA ALA A 53 -1.50 -19.31 -14.15
C ALA A 53 -2.41 -20.06 -13.21
N LYS A 54 -2.06 -21.30 -12.87
CA LYS A 54 -2.84 -22.13 -11.96
C LYS A 54 -1.95 -22.48 -10.77
N VAL A 55 -2.46 -22.25 -9.56
CA VAL A 55 -1.73 -22.55 -8.34
C VAL A 55 -2.63 -23.41 -7.46
N GLU A 56 -2.25 -24.67 -7.26
CA GLU A 56 -3.01 -25.54 -6.37
C GLU A 56 -2.16 -26.27 -5.34
N ARG A 57 -0.83 -26.18 -5.42
CA ARG A 57 0.06 -26.88 -4.49
C ARG A 57 1.05 -25.87 -3.90
N ILE A 58 0.78 -25.39 -2.70
CA ILE A 58 1.56 -24.33 -2.06
C ILE A 58 2.44 -24.93 -0.97
N LEU A 59 3.71 -24.52 -0.95
CA LEU A 59 4.65 -24.92 0.09
C LEU A 59 4.92 -23.73 1.00
N LEU A 60 4.70 -23.90 2.29
CA LEU A 60 4.96 -22.83 3.25
C LEU A 60 6.35 -23.03 3.83
N GLY A 61 7.30 -22.19 3.40
CA GLY A 61 8.68 -22.29 3.86
C GLY A 61 8.89 -21.90 5.31
N GLU A 62 7.99 -21.08 5.86
CA GLU A 62 7.85 -20.84 7.30
C GLU A 62 6.42 -21.17 7.68
N GLY A 63 6.25 -22.05 8.67
CA GLY A 63 4.93 -22.63 8.91
C GLY A 63 3.88 -21.59 9.26
N ARG A 64 4.27 -20.57 9.99
CA ARG A 64 3.30 -19.58 10.45
C ARG A 64 2.87 -18.62 9.34
N LEU A 65 3.43 -18.74 8.13
CA LEU A 65 2.83 -18.04 6.99
C LEU A 65 1.44 -18.56 6.68
N PHE A 66 1.04 -19.68 7.30
CA PHE A 66 -0.33 -20.14 7.18
C PHE A 66 -1.33 -19.07 7.62
N TYR A 67 -0.98 -18.24 8.61
CA TYR A 67 -1.91 -17.19 9.02
C TYR A 67 -2.28 -16.32 7.82
N ALA A 68 -1.27 -15.90 7.05
CA ALA A 68 -1.54 -15.02 5.92
C ALA A 68 -2.31 -15.74 4.84
N VAL A 69 -1.96 -17.00 4.57
CA VAL A 69 -2.63 -17.75 3.52
C VAL A 69 -4.07 -18.05 3.91
N SER A 70 -4.34 -18.28 5.20
CA SER A 70 -5.69 -18.55 5.66
C SER A 70 -6.67 -17.44 5.30
N LEU A 71 -6.21 -16.18 5.23
CA LEU A 71 -7.10 -15.07 4.91
C LEU A 71 -7.59 -15.10 3.47
N LEU A 72 -6.98 -15.91 2.60
CA LEU A 72 -7.31 -15.94 1.19
C LEU A 72 -8.11 -17.17 0.79
N GLU A 73 -8.15 -18.18 1.65
CA GLU A 73 -8.61 -19.53 1.29
C GLU A 73 -10.06 -19.80 1.68
N GLY A 74 -10.73 -18.87 2.35
CA GLY A 74 -12.14 -19.02 2.66
C GLY A 74 -12.42 -20.24 3.52
N ASN A 75 -13.42 -21.02 3.09
CA ASN A 75 -13.90 -22.25 3.72
C ASN A 75 -12.97 -23.44 3.54
N LYS A 76 -11.89 -23.33 2.79
CA LYS A 76 -11.01 -24.46 2.50
C LYS A 76 -9.56 -24.11 2.80
N PRO A 77 -9.24 -23.82 4.07
CA PRO A 77 -7.92 -23.26 4.40
C PRO A 77 -6.76 -24.19 4.07
N LEU A 78 -6.96 -25.50 4.09
CA LEU A 78 -5.84 -26.43 3.94
C LEU A 78 -5.74 -27.05 2.56
N ASP A 79 -6.72 -26.77 1.70
CA ASP A 79 -6.87 -27.48 0.43
C ASP A 79 -5.63 -27.43 -0.45
N ARG A 80 -4.89 -26.31 -0.45
CA ARG A 80 -3.77 -26.15 -1.36
C ARG A 80 -2.41 -26.25 -0.69
N ILE A 81 -2.36 -26.57 0.60
CA ILE A 81 -1.10 -26.70 1.31
C ILE A 81 -0.58 -28.12 1.13
N VAL A 82 0.53 -28.27 0.40
CA VAL A 82 1.11 -29.61 0.19
C VAL A 82 2.34 -29.87 1.05
N GLY A 83 2.70 -28.91 1.92
CA GLY A 83 3.83 -29.09 2.83
C GLY A 83 4.07 -27.81 3.60
N TRP A 84 4.52 -27.92 4.84
CA TRP A 84 4.86 -26.70 5.56
C TRP A 84 5.98 -26.94 6.54
N GLN A 85 6.79 -25.90 6.72
CA GLN A 85 7.79 -25.89 7.77
C GLN A 85 7.14 -26.05 9.14
N GLY A 86 7.91 -26.58 10.10
CA GLY A 86 7.33 -27.09 11.33
C GLY A 86 6.85 -26.06 12.33
N ASP A 87 7.06 -24.77 12.08
CA ASP A 87 6.76 -23.77 13.11
C ASP A 87 5.28 -23.72 13.47
N PHE A 88 4.38 -23.99 12.53
CA PHE A 88 2.97 -23.86 12.87
C PHE A 88 2.54 -24.94 13.85
N ARG A 89 2.84 -26.19 13.54
CA ARG A 89 2.43 -27.26 14.46
C ARG A 89 3.20 -27.21 15.77
N LYS A 90 4.50 -26.92 15.70
CA LYS A 90 5.36 -27.06 16.87
C LYS A 90 5.32 -25.82 17.76
N LEU A 91 5.23 -24.62 17.18
CA LEU A 91 5.27 -23.40 17.97
C LEU A 91 3.89 -22.79 18.16
N ASP A 92 2.88 -23.22 17.42
CA ASP A 92 1.50 -22.82 17.67
C ASP A 92 0.59 -24.05 17.74
N PRO A 93 0.86 -24.98 18.67
CA PRO A 93 0.00 -26.18 18.78
C PRO A 93 -1.46 -25.87 19.07
N GLN A 94 -1.77 -24.78 19.75
CA GLN A 94 -3.16 -24.48 20.06
C GLN A 94 -3.96 -24.19 18.80
N THR A 95 -3.46 -23.29 17.94
CA THR A 95 -4.16 -23.04 16.70
C THR A 95 -4.25 -24.30 15.85
N TYR A 96 -3.16 -25.08 15.80
CA TYR A 96 -3.18 -26.33 15.06
C TYR A 96 -4.31 -27.24 15.57
N ALA A 97 -4.50 -27.29 16.88
CA ALA A 97 -5.55 -28.13 17.49
C ALA A 97 -6.93 -27.73 17.01
N ILE A 98 -7.20 -26.42 16.95
CA ILE A 98 -8.52 -25.95 16.56
C ILE A 98 -8.80 -26.31 15.11
N TYR A 99 -7.79 -26.18 14.24
CA TYR A 99 -7.95 -26.59 12.84
C TYR A 99 -8.10 -28.10 12.72
N LYS A 100 -7.33 -28.86 13.50
CA LYS A 100 -7.41 -30.33 13.43
C LYS A 100 -8.82 -30.82 13.77
N ALA A 101 -9.46 -30.18 14.75
CA ALA A 101 -10.80 -30.59 15.16
C ALA A 101 -11.78 -30.50 14.00
N LYS A 102 -11.66 -29.45 13.19
CA LYS A 102 -12.54 -29.23 12.05
C LYS A 102 -12.04 -29.86 10.77
N PHE A 103 -10.73 -30.04 10.62
CA PHE A 103 -10.11 -30.52 9.39
C PHE A 103 -9.11 -31.62 9.75
N PRO A 104 -9.58 -32.86 9.89
CA PRO A 104 -8.68 -33.93 10.33
C PRO A 104 -7.55 -34.22 9.37
N GLN A 105 -7.72 -33.91 8.09
CA GLN A 105 -6.67 -34.12 7.08
C GLN A 105 -5.45 -33.25 7.30
N ILE A 106 -5.47 -32.36 8.29
CA ILE A 106 -4.29 -31.55 8.60
C ILE A 106 -3.10 -32.43 8.92
N ASP A 107 -3.33 -33.62 9.50
CA ASP A 107 -2.22 -34.50 9.87
C ASP A 107 -1.53 -35.11 8.65
N GLN A 108 -2.15 -35.04 7.48
CA GLN A 108 -1.55 -35.56 6.26
C GLN A 108 -0.62 -34.58 5.58
N ILE A 109 -0.58 -33.32 6.03
CA ILE A 109 0.32 -32.36 5.39
C ILE A 109 1.74 -32.65 5.87
N PRO A 110 2.67 -32.92 4.95
CA PRO A 110 4.04 -33.25 5.37
C PRO A 110 4.76 -32.03 5.92
N LEU A 111 5.67 -32.30 6.88
CA LEU A 111 6.48 -31.26 7.49
C LEU A 111 7.86 -31.26 6.86
N ILE A 112 8.40 -30.06 6.64
CA ILE A 112 9.71 -29.88 6.04
C ILE A 112 10.54 -28.99 6.96
N GLY A 113 11.86 -29.20 6.96
CA GLY A 113 12.77 -28.25 7.58
C GLY A 113 13.52 -28.73 8.81
N ASN A 114 13.21 -29.93 9.33
CA ASN A 114 14.02 -30.62 10.36
C ASN A 114 13.95 -29.94 11.72
N THR A 115 12.77 -29.44 12.11
CA THR A 115 12.59 -28.88 13.46
C THR A 115 11.58 -29.68 14.27
N THR A 116 11.12 -30.81 13.77
CA THR A 116 10.20 -31.66 14.52
C THR A 116 10.64 -33.12 14.45
N ASP A 118 9.86 -36.54 14.55
CA ASP A 118 10.30 -36.25 13.18
C ASP A 118 9.24 -35.55 12.35
N SER A 119 8.34 -36.36 11.78
CA SER A 119 7.37 -35.94 10.78
C SER A 119 8.06 -35.28 9.58
N ILE A 120 9.18 -34.58 9.80
CA ILE A 120 9.94 -33.99 8.70
C ILE A 120 10.44 -35.10 7.80
N SER A 121 9.56 -35.60 6.93
CA SER A 121 9.92 -36.66 6.00
C SER A 121 10.62 -36.08 4.77
N PRO A 122 10.26 -34.88 4.30
CA PRO A 122 11.06 -34.25 3.23
C PRO A 122 12.31 -33.56 3.77
N GLU A 123 13.44 -33.91 3.14
CA GLU A 123 14.77 -33.34 3.34
C GLU A 123 15.21 -32.70 2.05
N LYS A 124 15.57 -33.59 1.13
CA LYS A 124 15.64 -33.36 -0.30
C LYS A 124 14.44 -33.96 -1.02
N VAL A 125 13.55 -34.64 -0.28
CA VAL A 125 12.37 -35.31 -0.85
C VAL A 125 11.29 -34.28 -1.15
N LEU A 126 11.57 -33.38 -2.08
CA LEU A 126 10.50 -32.48 -2.49
C LEU A 126 9.97 -32.87 -3.87
N THR A 127 9.60 -34.14 -3.88
CA THR A 127 8.66 -34.80 -4.78
C THR A 127 7.22 -34.38 -4.50
N LEU A 128 7.03 -33.28 -3.75
CA LEU A 128 5.70 -32.79 -3.44
C LEU A 128 5.07 -32.07 -4.62
N ASN A 129 5.81 -31.86 -5.69
CA ASN A 129 5.34 -31.16 -6.88
C ASN A 129 4.73 -29.80 -6.54
N PRO A 130 5.45 -28.94 -5.82
CA PRO A 130 4.89 -27.63 -5.47
C PRO A 130 4.82 -26.70 -6.67
N ASP A 131 3.73 -25.93 -6.74
CA ASP A 131 3.57 -24.89 -7.76
C ASP A 131 4.27 -23.59 -7.34
N ILE A 132 4.45 -23.38 -6.04
CA ILE A 132 4.97 -22.13 -5.50
C ILE A 132 5.36 -22.38 -4.05
N ALA A 133 6.34 -21.64 -3.55
CA ALA A 133 6.74 -21.67 -2.15
C ALA A 133 6.83 -20.25 -1.62
N ILE A 134 6.45 -20.06 -0.36
CA ILE A 134 6.41 -18.73 0.25
C ILE A 134 7.37 -18.71 1.44
N PHE A 135 8.19 -17.66 1.53
CA PHE A 135 9.07 -17.45 2.69
C PHE A 135 8.94 -16.01 3.17
N GLY A 136 9.51 -15.76 4.34
CA GLY A 136 9.61 -14.41 4.87
C GLY A 136 10.98 -13.83 4.59
N LEU A 137 11.05 -12.49 4.52
CA LEU A 137 12.33 -11.81 4.43
C LEU A 137 13.17 -12.14 5.66
N SER A 138 14.49 -12.18 5.49
CA SER A 138 15.38 -12.45 6.62
C SER A 138 15.57 -11.20 7.48
N SER A 146 17.30 -21.45 5.33
CA SER A 146 17.71 -20.84 4.06
C SER A 146 18.16 -21.91 3.07
N GLU A 147 18.48 -23.11 3.59
CA GLU A 147 18.90 -24.21 2.75
C GLU A 147 17.81 -24.59 1.74
N LEU A 148 16.55 -24.45 2.14
CA LEU A 148 15.46 -24.85 1.27
C LEU A 148 15.24 -23.86 0.13
N VAL A 149 15.49 -22.57 0.34
CA VAL A 149 15.30 -21.62 -0.77
C VAL A 149 16.24 -21.97 -1.93
N LYS A 150 17.51 -22.21 -1.62
CA LYS A 150 18.49 -22.52 -2.65
C LYS A 150 18.11 -23.77 -3.44
N GLN A 151 17.61 -24.79 -2.75
CA GLN A 151 17.22 -26.03 -3.41
C GLN A 151 16.05 -25.77 -4.39
N LEU A 152 15.02 -25.07 -3.92
CA LEU A 152 13.87 -24.80 -4.76
C LEU A 152 14.24 -23.99 -6.01
N GLU A 153 15.09 -22.97 -5.85
CA GLU A 153 15.41 -22.08 -6.96
C GLU A 153 16.05 -22.84 -8.12
N LYS A 154 16.97 -23.76 -7.80
CA LYS A 154 17.62 -24.52 -8.86
C LYS A 154 16.69 -25.58 -9.46
N ALA A 155 15.71 -26.05 -8.69
CA ALA A 155 14.70 -26.98 -9.20
C ALA A 155 13.58 -26.28 -9.97
N GLY A 156 13.65 -24.96 -10.11
CA GLY A 156 12.71 -24.23 -10.94
C GLY A 156 11.38 -23.87 -10.29
N VAL A 157 11.20 -24.15 -9.01
CA VAL A 157 9.94 -23.83 -8.34
C VAL A 157 9.97 -22.35 -7.94
N PRO A 158 8.92 -21.58 -8.25
CA PRO A 158 8.93 -20.15 -7.91
C PRO A 158 8.88 -19.95 -6.40
N VAL A 159 9.73 -19.05 -5.90
CA VAL A 159 9.78 -18.69 -4.48
C VAL A 159 9.42 -17.22 -4.35
N VAL A 160 8.48 -16.92 -3.45
CA VAL A 160 7.99 -15.55 -3.24
C VAL A 160 8.24 -15.17 -1.78
N PHE A 161 8.86 -14.01 -1.55
CA PHE A 161 9.13 -13.51 -0.21
C PHE A 161 8.07 -12.47 0.20
N VAL A 162 7.59 -12.60 1.44
CA VAL A 162 6.70 -11.63 2.08
C VAL A 162 7.38 -11.10 3.33
N ASP A 163 6.78 -10.07 3.94
CA ASP A 163 7.27 -9.62 5.24
C ASP A 163 6.12 -9.10 6.09
N PHE A 164 5.94 -9.70 7.27
CA PHE A 164 5.10 -9.22 8.35
C PHE A 164 5.90 -8.98 9.62
N ARG A 165 7.22 -9.16 9.56
CA ARG A 165 8.05 -9.22 10.75
C ARG A 165 8.99 -8.03 10.87
N ASN A 166 9.70 -7.68 9.79
CA ASN A 166 10.70 -6.62 9.87
C ASN A 166 10.02 -5.27 10.02
N SER A 167 9.15 -4.93 9.08
CA SER A 167 8.46 -3.64 9.08
C SER A 167 6.99 -3.85 8.78
N PRO A 168 6.22 -4.31 9.76
CA PRO A 168 4.78 -4.56 9.49
C PRO A 168 4.00 -3.30 9.15
N LEU A 169 4.44 -2.13 9.60
CA LEU A 169 3.74 -0.89 9.22
C LEU A 169 3.77 -0.71 7.70
N LYS A 170 4.94 -0.86 7.08
CA LYS A 170 5.08 -0.61 5.65
C LYS A 170 4.67 -1.81 4.80
N ASN A 171 4.80 -3.03 5.33
CA ASN A 171 4.86 -4.23 4.48
C ASN A 171 3.69 -5.18 4.65
N THR A 172 2.85 -4.99 5.67
CA THR A 172 1.76 -5.95 5.89
C THR A 172 0.80 -5.94 4.70
N LEU A 173 0.37 -4.75 4.27
CA LEU A 173 -0.61 -4.65 3.18
C LEU A 173 0.02 -5.00 1.84
N PRO A 174 1.19 -4.47 1.47
CA PRO A 174 1.86 -4.98 0.26
C PRO A 174 2.02 -6.49 0.27
N SER A 175 2.37 -7.10 1.42
CA SER A 175 2.54 -8.55 1.43
C SER A 175 1.24 -9.27 1.11
N MET A 176 0.11 -8.74 1.62
CA MET A 176 -1.17 -9.38 1.32
C MET A 176 -1.56 -9.21 -0.15
N ARG A 177 -1.29 -8.04 -0.75
CA ARG A 177 -1.59 -7.89 -2.17
C ARG A 177 -0.75 -8.87 -2.98
N LEU A 178 0.54 -8.98 -2.66
CA LEU A 178 1.43 -9.90 -3.34
C LEU A 178 0.95 -11.35 -3.23
N LEU A 179 0.56 -11.77 -2.03
CA LEU A 179 0.02 -13.13 -1.87
C LEU A 179 -1.24 -13.32 -2.68
N GLY A 180 -2.11 -12.31 -2.70
CA GLY A 180 -3.33 -12.41 -3.50
C GLY A 180 -3.03 -12.56 -4.98
N LYS A 181 -2.00 -11.87 -5.46
CA LYS A 181 -1.59 -12.01 -6.86
C LYS A 181 -0.93 -13.36 -7.13
N ALA A 182 0.01 -13.75 -6.27
CA ALA A 182 0.76 -14.99 -6.48
C ALA A 182 -0.11 -16.22 -6.33
N LEU A 183 -1.15 -16.16 -5.50
CA LEU A 183 -1.99 -17.32 -5.24
C LEU A 183 -3.33 -17.22 -5.93
N HIS A 184 -3.53 -16.21 -6.77
CA HIS A 184 -4.74 -16.04 -7.56
C HIS A 184 -5.99 -15.93 -6.67
N ARG A 185 -5.87 -15.10 -5.63
CA ARG A 185 -6.99 -14.74 -4.76
C ARG A 185 -7.03 -13.23 -4.55
N GLU A 186 -7.04 -12.48 -5.66
CA GLU A 186 -6.88 -11.03 -5.57
C GLU A 186 -8.05 -10.37 -4.84
N GLN A 187 -9.28 -10.85 -5.07
CA GLN A 187 -10.43 -10.23 -4.42
C GLN A 187 -10.40 -10.44 -2.92
N GLN A 188 -10.01 -11.64 -2.48
CA GLN A 188 -9.86 -11.90 -1.05
C GLN A 188 -8.78 -11.00 -0.46
N ALA A 189 -7.67 -10.81 -1.16
CA ALA A 189 -6.61 -9.93 -0.66
C ALA A 189 -7.12 -8.50 -0.52
N GLU A 190 -7.81 -8.00 -1.55
CA GLU A 190 -8.37 -6.66 -1.48
C GLU A 190 -9.37 -6.52 -0.34
N ASN A 191 -10.23 -7.54 -0.14
CA ASN A 191 -11.16 -7.49 0.98
C ASN A 191 -10.43 -7.38 2.30
N TYR A 192 -9.35 -8.15 2.48
CA TYR A 192 -8.64 -8.07 3.74
C TYR A 192 -7.90 -6.73 3.89
N ILE A 193 -7.31 -6.22 2.80
CA ILE A 193 -6.58 -4.94 2.88
C ILE A 193 -7.51 -3.84 3.36
N ASN A 194 -8.72 -3.79 2.80
CA ASN A 194 -9.70 -2.80 3.23
C ASN A 194 -10.11 -3.01 4.69
N PHE A 195 -10.33 -4.26 5.12
CA PHE A 195 -10.69 -4.52 6.51
C PHE A 195 -9.58 -4.11 7.46
N TYR A 196 -8.34 -4.40 7.09
CA TYR A 196 -7.21 -4.05 7.94
C TYR A 196 -7.04 -2.54 8.04
N GLN A 197 -7.01 -1.87 6.88
CA GLN A 197 -6.79 -0.42 6.90
C GLN A 197 -7.89 0.30 7.66
N ASP A 198 -9.14 -0.13 7.47
CA ASP A 198 -10.25 0.44 8.23
C ASP A 198 -10.04 0.29 9.72
N ASN A 199 -9.57 -0.88 10.15
CA ASN A 199 -9.40 -1.11 11.58
C ASN A 199 -8.12 -0.50 12.14
N VAL A 200 -7.10 -0.23 11.31
CA VAL A 200 -5.98 0.56 11.80
C VAL A 200 -6.39 2.04 11.88
N ASP A 201 -7.21 2.51 10.94
CA ASP A 201 -7.60 3.93 10.94
C ASP A 201 -8.44 4.28 12.17
N LYS A 202 -9.18 3.31 12.71
CA LYS A 202 -9.89 3.52 13.98
C LYS A 202 -8.94 3.98 15.07
N VAL A 203 -7.71 3.50 15.04
CA VAL A 203 -6.69 3.86 16.00
C VAL A 203 -5.99 5.14 15.62
N THR A 204 -5.54 5.24 14.36
CA THR A 204 -4.74 6.41 13.98
C THR A 204 -5.57 7.68 13.86
N ASP A 205 -6.88 7.55 13.59
CA ASP A 205 -7.76 8.73 13.65
C ASP A 205 -7.53 9.50 14.94
N ILE A 206 -7.30 8.79 16.04
CA ILE A 206 -7.04 9.39 17.34
C ILE A 206 -5.54 9.61 17.58
N THR A 207 -4.70 8.59 17.34
CA THR A 207 -3.30 8.72 17.74
C THR A 207 -2.48 9.62 16.82
N ASN A 208 -2.94 9.90 15.60
CA ASN A 208 -2.21 10.85 14.74
C ASN A 208 -2.09 12.23 15.39
N LYS A 209 -3.10 12.64 16.18
CA LYS A 209 -3.16 13.98 16.73
C LYS A 209 -2.45 14.15 18.07
N ILE A 210 -2.00 13.06 18.69
CA ILE A 210 -1.44 13.15 20.04
C ILE A 210 -0.02 13.70 19.97
N PRO A 211 0.29 14.79 20.68
CA PRO A 211 1.65 15.32 20.66
C PRO A 211 2.64 14.35 21.26
N GLU A 212 3.88 14.42 20.77
CA GLU A 212 4.92 13.47 21.17
C GLU A 212 5.14 13.50 22.69
N ASP A 213 5.14 14.68 23.30
CA ASP A 213 5.46 14.73 24.73
C ASP A 213 4.26 14.39 25.62
N LYS A 214 3.17 13.88 25.05
CA LYS A 214 2.04 13.36 25.80
C LYS A 214 1.86 11.86 25.67
N LYS A 215 2.76 11.18 24.98
CA LYS A 215 2.75 9.74 24.69
C LYS A 215 3.43 8.96 25.81
N PRO A 216 2.81 7.87 26.27
CA PRO A 216 3.45 7.05 27.31
C PRO A 216 4.67 6.31 26.75
N SER A 217 5.71 6.19 27.57
CA SER A 217 6.87 5.39 27.19
C SER A 217 6.51 3.92 27.40
N VAL A 218 7.01 3.08 26.51
CA VAL A 218 6.57 1.69 26.45
C VAL A 218 7.79 0.80 26.26
N PHE A 219 7.85 -0.29 27.02
CA PHE A 219 8.80 -1.35 26.77
C PHE A 219 8.05 -2.64 26.51
N ILE A 220 8.35 -3.31 25.39
CA ILE A 220 7.79 -4.63 25.11
C ILE A 220 8.89 -5.68 25.25
N GLU A 221 8.66 -6.65 26.13
CA GLU A 221 9.57 -7.77 26.29
C GLU A 221 9.01 -8.94 25.49
N LEU A 222 9.61 -9.21 24.33
CA LEU A 222 9.16 -10.31 23.50
C LEU A 222 9.56 -11.66 24.09
N ARG A 223 8.64 -12.61 24.04
CA ARG A 223 8.85 -13.94 24.64
C ARG A 223 9.38 -13.83 26.05
N ALA A 224 8.75 -12.95 26.83
CA ALA A 224 9.19 -12.63 28.18
C ALA A 224 9.33 -13.89 29.03
N GLY A 225 10.46 -14.00 29.71
CA GLY A 225 10.69 -15.07 30.65
C GLY A 225 11.03 -16.40 30.03
N ALA A 226 11.09 -16.49 28.70
CA ALA A 226 11.32 -17.77 28.04
C ALA A 226 12.80 -18.11 27.92
N SER A 227 13.64 -17.11 27.65
CA SER A 227 15.03 -17.33 27.32
C SER A 227 15.92 -17.01 28.52
N GLU A 228 17.24 -17.18 28.35
CA GLU A 228 18.17 -16.96 29.45
C GLU A 228 18.46 -15.47 29.65
N GLU A 229 19.20 -14.87 28.72
CA GLU A 229 19.46 -13.43 28.78
C GLU A 229 18.15 -12.67 28.61
N CYS A 230 17.92 -11.69 29.47
CA CYS A 230 16.61 -11.07 29.48
C CYS A 230 16.42 -10.08 28.34
N CYS A 231 15.14 -9.85 28.04
CA CYS A 231 14.67 -8.63 27.42
C CYS A 231 15.05 -8.58 25.94
N GLY A 232 14.64 -9.61 25.21
CA GLY A 232 14.41 -9.41 23.80
C GLY A 232 13.29 -8.40 23.61
N THR A 233 13.40 -7.62 22.53
CA THR A 233 12.45 -6.55 22.33
C THR A 233 12.44 -6.20 20.84
N ALA A 234 11.64 -5.19 20.50
CA ALA A 234 11.54 -4.65 19.15
C ALA A 234 12.05 -3.22 19.13
N GLY A 235 12.83 -2.90 18.09
CA GLY A 235 13.34 -1.54 17.94
C GLY A 235 12.68 -0.79 16.80
N LYS A 236 13.40 -0.60 15.70
CA LYS A 236 12.87 0.13 14.54
C LYS A 236 12.15 -0.83 13.59
N GLY A 237 10.99 -1.31 14.04
CA GLY A 237 10.19 -2.24 13.28
C GLY A 237 9.55 -3.26 14.21
N ASN A 238 9.10 -4.35 13.61
CA ASN A 238 8.32 -5.38 14.31
C ASN A 238 7.29 -4.75 15.25
N MET A 239 7.16 -5.25 16.48
CA MET A 239 6.10 -4.75 17.35
C MET A 239 6.32 -3.29 17.74
N GLY A 240 7.56 -2.78 17.59
CA GLY A 240 7.77 -1.35 17.67
C GLY A 240 6.85 -0.56 16.77
N ASP A 241 6.60 -1.09 15.56
CA ASP A 241 5.64 -0.44 14.66
C ASP A 241 4.26 -0.34 15.29
N PHE A 242 3.84 -1.37 16.03
CA PHE A 242 2.52 -1.32 16.65
C PHE A 242 2.48 -0.30 17.77
N ILE A 243 3.55 -0.21 18.55
CA ILE A 243 3.64 0.82 19.58
C ILE A 243 3.49 2.21 18.96
N ASP A 244 4.25 2.48 17.90
CA ASP A 244 4.18 3.76 17.19
C ASP A 244 2.75 4.08 16.76
N GLN A 245 2.10 3.15 16.04
CA GLN A 245 0.76 3.43 15.52
C GLN A 245 -0.24 3.60 16.64
N ALA A 246 -0.03 2.94 17.77
CA ALA A 246 -0.94 3.05 18.90
C ALA A 246 -0.65 4.27 19.75
N GLY A 247 0.29 5.13 19.31
CA GLY A 247 0.54 6.36 20.02
C GLY A 247 1.43 6.24 21.24
N GLY A 248 2.23 5.18 21.35
CA GLY A 248 3.20 5.05 22.40
C GLY A 248 4.59 5.45 21.94
N ASN A 249 5.49 5.55 22.92
CA ASN A 249 6.89 5.87 22.68
C ASN A 249 7.73 4.65 23.08
N ASN A 250 8.17 3.88 22.08
CA ASN A 250 8.97 2.67 22.28
C ASN A 250 10.36 3.02 22.81
N ILE A 251 10.62 2.72 24.09
CA ILE A 251 11.91 3.06 24.70
C ILE A 251 13.07 2.33 24.03
N ALA A 252 12.78 1.28 23.26
CA ALA A 252 13.85 0.55 22.58
C ALA A 252 14.12 1.06 21.17
N LYS A 253 13.31 1.99 20.65
CA LYS A 253 13.44 2.41 19.25
C LYS A 253 14.82 2.99 18.97
N ASN A 254 15.31 3.87 19.84
CA ASN A 254 16.65 4.43 19.67
C ASN A 254 17.76 3.49 20.12
N LEU A 255 17.44 2.33 20.71
CA LEU A 255 18.45 1.47 21.32
C LEU A 255 18.92 0.36 20.41
N LEU A 256 18.24 0.09 19.30
CA LEU A 256 18.57 -1.02 18.44
C LEU A 256 18.73 -0.52 17.01
N PRO A 257 19.63 -1.14 16.24
CA PRO A 257 19.81 -0.73 14.84
C PRO A 257 18.72 -1.27 13.93
N GLY A 258 18.14 -2.40 14.30
CA GLY A 258 17.17 -3.07 13.46
C GLY A 258 15.85 -3.30 14.16
N SER A 259 15.02 -4.20 13.61
CA SER A 259 13.66 -4.34 14.10
C SER A 259 13.58 -5.20 15.36
N LEU A 260 14.48 -6.18 15.52
CA LEU A 260 14.48 -7.08 16.67
C LEU A 260 15.86 -7.09 17.32
N GLY A 261 15.90 -7.34 18.63
CA GLY A 261 17.16 -7.42 19.32
C GLY A 261 16.95 -7.56 20.82
N THR A 262 18.07 -7.56 21.55
CA THR A 262 18.09 -7.70 22.99
C THR A 262 18.58 -6.40 23.64
N VAL A 263 17.92 -5.99 24.72
CA VAL A 263 18.33 -4.84 25.52
C VAL A 263 18.54 -5.33 26.93
N ASN A 264 19.64 -4.95 27.57
CA ASN A 264 19.92 -5.53 28.87
C ASN A 264 18.96 -5.00 29.92
N LEU A 265 18.73 -5.81 30.95
CA LEU A 265 17.71 -5.50 31.96
C LEU A 265 18.00 -4.17 32.65
N GLU A 266 19.28 -3.84 32.84
CA GLU A 266 19.62 -2.59 33.51
C GLU A 266 19.12 -1.37 32.73
N LYS A 267 19.12 -1.46 31.40
CA LYS A 267 18.65 -0.33 30.60
C LYS A 267 17.14 -0.19 30.68
N VAL A 268 16.41 -1.30 30.67
CA VAL A 268 14.96 -1.26 30.85
C VAL A 268 14.62 -0.55 32.16
N LEU A 269 15.27 -0.95 33.25
CA LEU A 269 15.00 -0.34 34.55
C LEU A 269 15.37 1.14 34.54
N ALA A 270 16.55 1.48 33.99
CA ALA A 270 16.95 2.88 33.92
C ALA A 270 16.01 3.70 33.05
N ALA A 271 15.33 3.08 32.10
CA ALA A 271 14.39 3.80 31.26
C ALA A 271 13.08 4.11 31.97
N LYS A 272 12.74 3.36 33.00
CA LYS A 272 11.53 3.57 33.79
C LYS A 272 10.28 3.75 32.92
N PRO A 273 9.96 2.77 32.07
CA PRO A 273 8.86 2.95 31.12
C PRO A 273 7.52 3.10 31.81
N ASP A 274 6.67 3.94 31.22
CA ASP A 274 5.32 4.13 31.77
C ASP A 274 4.51 2.85 31.70
N ILE A 275 4.70 2.06 30.64
CA ILE A 275 3.87 0.90 30.34
C ILE A 275 4.78 -0.28 30.01
N TYR A 276 4.42 -1.47 30.52
CA TYR A 276 5.18 -2.70 30.29
C TYR A 276 4.28 -3.70 29.58
N ILE A 277 4.81 -4.30 28.51
CA ILE A 277 4.10 -5.32 27.75
C ILE A 277 5.00 -6.55 27.65
N ALA A 278 4.43 -7.72 27.90
CA ALA A 278 5.10 -9.00 27.67
C ALA A 278 4.41 -9.73 26.52
N SER A 279 5.18 -10.37 25.65
CA SER A 279 4.60 -11.24 24.64
C SER A 279 4.89 -12.69 24.98
N GLY A 280 3.98 -13.57 24.56
CA GLY A 280 4.19 -14.99 24.76
C GLY A 280 3.12 -15.79 24.08
N GLY A 281 3.31 -17.13 24.10
CA GLY A 281 2.38 -18.00 23.41
C GLY A 281 2.40 -19.41 23.97
N LYS A 282 2.72 -19.53 25.25
CA LYS A 282 2.78 -20.86 25.87
C LYS A 282 1.39 -21.48 25.98
N SER A 283 1.39 -22.81 26.04
CA SER A 283 0.19 -23.63 26.20
C SER A 283 -0.10 -23.84 27.69
N PRO A 284 -1.37 -23.86 28.08
CA PRO A 284 -1.71 -24.03 29.49
C PRO A 284 -1.04 -25.27 30.07
N GLY A 285 -0.44 -25.10 31.25
CA GLY A 285 0.23 -26.19 31.91
C GLY A 285 1.60 -26.53 31.37
N SER A 286 2.13 -25.74 30.44
CA SER A 286 3.48 -25.99 29.93
C SER A 286 4.51 -25.86 31.04
N ASP A 287 5.61 -26.60 30.90
CA ASP A 287 6.68 -26.54 31.89
C ASP A 287 7.67 -25.43 31.60
N ALA A 288 7.83 -25.03 30.34
CA ALA A 288 8.74 -23.95 30.01
C ALA A 288 8.12 -22.61 30.42
N PRO A 289 8.91 -21.70 30.99
CA PRO A 289 8.36 -20.42 31.45
C PRO A 289 7.92 -19.54 30.28
N GLY A 290 7.06 -18.59 30.59
CA GLY A 290 6.54 -17.67 29.60
C GLY A 290 5.05 -17.38 29.80
N VAL A 291 4.59 -16.33 29.12
CA VAL A 291 3.19 -15.96 29.17
C VAL A 291 2.35 -16.96 28.38
N VAL A 292 1.21 -17.34 28.95
CA VAL A 292 0.33 -18.37 28.40
C VAL A 292 -0.83 -17.68 27.69
N LEU A 293 -0.86 -17.81 26.35
CA LEU A 293 -1.88 -17.19 25.50
C LEU A 293 -2.07 -18.05 24.27
N GLY A 294 -3.28 -17.98 23.67
CA GLY A 294 -3.55 -18.67 22.43
C GLY A 294 -4.97 -19.24 22.38
N ALA A 295 -5.21 -20.06 21.34
CA ALA A 295 -6.58 -20.44 20.98
C ALA A 295 -7.23 -21.33 22.02
N GLN A 296 -6.46 -21.89 22.96
CA GLN A 296 -7.01 -22.78 23.98
C GLN A 296 -6.79 -22.23 25.38
N VAL A 297 -6.41 -20.96 25.50
CA VAL A 297 -6.14 -20.34 26.79
C VAL A 297 -7.35 -19.56 27.24
N THR A 298 -7.74 -19.75 28.51
CA THR A 298 -8.84 -19.01 29.13
C THR A 298 -8.33 -17.73 29.75
N PRO A 299 -9.21 -16.73 29.95
CA PRO A 299 -8.79 -15.52 30.66
C PRO A 299 -8.07 -15.80 31.97
N GLU A 300 -8.58 -16.75 32.77
CA GLU A 300 -7.96 -17.00 34.07
C GLU A 300 -6.54 -17.53 33.93
N GLN A 301 -6.31 -18.45 32.99
CA GLN A 301 -4.97 -19.00 32.80
C GLN A 301 -4.00 -17.93 32.33
N ALA A 302 -4.41 -17.12 31.35
CA ALA A 302 -3.56 -16.03 30.89
C ALA A 302 -3.20 -15.12 32.05
N GLN A 303 -4.21 -14.67 32.80
CA GLN A 303 -3.99 -13.79 33.94
C GLN A 303 -3.00 -14.38 34.92
N ALA A 304 -3.12 -15.68 35.21
CA ALA A 304 -2.23 -16.32 36.18
C ALA A 304 -0.80 -16.43 35.67
N SER A 305 -0.61 -16.60 34.36
CA SER A 305 0.75 -16.67 33.83
C SER A 305 1.40 -15.29 33.75
N LEU A 306 0.62 -14.22 33.51
CA LEU A 306 1.18 -12.87 33.47
C LEU A 306 1.69 -12.45 34.86
N GLN A 307 0.86 -12.68 35.89
CA GLN A 307 1.27 -12.42 37.28
C GLN A 307 2.62 -13.07 37.60
N LYS A 308 2.83 -14.31 37.15
CA LYS A 308 4.10 -14.95 37.43
C LYS A 308 5.23 -14.27 36.67
N ILE A 309 4.99 -13.90 35.41
CA ILE A 309 6.02 -13.23 34.62
C ILE A 309 6.38 -11.88 35.24
N LEU A 310 5.38 -11.20 35.81
CA LEU A 310 5.62 -9.90 36.43
C LEU A 310 6.34 -10.01 37.77
N GLY A 311 6.45 -11.22 38.32
CA GLY A 311 7.15 -11.44 39.57
C GLY A 311 8.62 -11.77 39.46
N ARG A 312 9.19 -11.74 38.25
CA ARG A 312 10.60 -12.04 38.06
C ARG A 312 11.46 -10.92 38.65
N LYS A 313 12.69 -11.27 39.00
CA LYS A 313 13.61 -10.28 39.54
C LYS A 313 13.87 -9.18 38.53
N GLY A 314 14.16 -7.98 39.04
CA GLY A 314 14.43 -6.82 38.20
C GLY A 314 13.17 -6.22 37.65
N ILE A 315 12.44 -7.02 36.86
CA ILE A 315 11.15 -6.60 36.32
C ILE A 315 10.19 -6.15 37.44
N ASN A 316 10.19 -6.85 38.57
CA ASN A 316 9.22 -6.53 39.61
C ASN A 316 9.54 -5.25 40.37
N THR A 317 10.61 -4.54 40.02
CA THR A 317 10.90 -3.22 40.57
C THR A 317 10.41 -2.08 39.68
N LEU A 318 9.89 -2.39 38.48
CA LEU A 318 9.38 -1.37 37.57
C LEU A 318 8.10 -0.76 38.13
N SER A 319 8.03 0.58 38.11
CA SER A 319 6.78 1.24 38.47
C SER A 319 5.63 0.79 37.57
N ALA A 320 5.91 0.50 36.30
CA ALA A 320 4.85 0.02 35.42
C ALA A 320 4.26 -1.28 35.92
N VAL A 321 5.09 -2.12 36.55
CA VAL A 321 4.63 -3.42 37.03
C VAL A 321 3.76 -3.26 38.27
N ASN A 322 4.08 -2.28 39.13
CA ASN A 322 3.46 -2.17 40.45
C ASN A 322 2.33 -1.15 40.52
N THR A 323 2.13 -0.36 39.46
CA THR A 323 1.11 0.69 39.49
C THR A 323 -0.03 0.42 38.53
N GLY A 324 -0.15 -0.80 38.01
CA GLY A 324 -1.27 -1.14 37.16
C GLY A 324 -1.12 -0.70 35.71
N HIS A 325 0.07 -0.88 35.14
CA HIS A 325 0.31 -0.56 33.74
C HIS A 325 1.11 -1.69 33.08
N SER A 326 0.64 -2.93 33.27
CA SER A 326 1.30 -4.10 32.70
C SER A 326 0.29 -4.95 31.94
N TYR A 327 0.73 -5.49 30.80
CA TYR A 327 -0.15 -6.17 29.85
C TYR A 327 0.61 -7.29 29.17
N ALA A 328 -0.12 -8.22 28.55
CA ALA A 328 0.50 -9.25 27.73
C ALA A 328 -0.22 -9.37 26.40
N ILE A 329 0.57 -9.67 25.35
CA ILE A 329 0.09 -9.80 23.98
C ILE A 329 0.58 -11.11 23.40
N TRP A 330 -0.23 -11.70 22.52
CA TRP A 330 0.14 -12.96 21.85
C TRP A 330 1.34 -12.74 20.95
N HIS A 331 2.38 -13.56 21.13
CA HIS A 331 3.64 -13.28 20.46
C HIS A 331 3.54 -13.43 18.96
N ASN A 332 2.71 -14.34 18.47
CA ASN A 332 2.69 -14.59 17.03
C ASN A 332 2.15 -13.42 16.23
N TYR A 333 1.54 -12.41 16.87
CA TYR A 333 1.26 -11.18 16.15
C TYR A 333 2.54 -10.48 15.69
N TYR A 334 3.72 -10.93 16.13
CA TYR A 334 4.96 -10.32 15.67
C TYR A 334 5.28 -10.71 14.23
N ASN A 335 4.54 -11.65 13.65
CA ASN A 335 4.78 -12.06 12.25
C ASN A 335 3.47 -12.59 11.67
N SER A 336 2.43 -11.74 11.62
CA SER A 336 1.14 -12.20 11.12
C SER A 336 0.32 -11.01 10.67
N PRO A 337 -0.38 -11.09 9.52
CA PRO A 337 -1.27 -9.98 9.13
C PRO A 337 -2.47 -9.80 10.04
N TYR A 338 -2.69 -10.71 11.00
CA TYR A 338 -3.71 -10.45 12.02
C TYR A 338 -3.28 -9.37 12.99
N ASN A 339 -2.08 -8.81 12.82
CA ASN A 339 -1.48 -7.93 13.82
C ASN A 339 -2.30 -6.68 14.10
N VAL A 340 -3.30 -6.36 13.28
CA VAL A 340 -4.17 -5.22 13.60
C VAL A 340 -4.81 -5.42 14.98
N LEU A 341 -5.00 -6.67 15.40
CA LEU A 341 -5.56 -6.88 16.73
C LEU A 341 -4.60 -6.45 17.82
N ALA A 342 -3.29 -6.58 17.59
CA ALA A 342 -2.33 -6.06 18.56
C ALA A 342 -2.29 -4.54 18.54
N ILE A 343 -2.38 -3.94 17.35
CA ILE A 343 -2.37 -2.48 17.28
C ILE A 343 -3.53 -1.89 18.06
N GLN A 344 -4.71 -2.48 17.91
CA GLN A 344 -5.91 -1.99 18.60
C GLN A 344 -5.79 -2.23 20.10
N SER A 345 -5.28 -3.40 20.50
CA SER A 345 -5.13 -3.68 21.93
C SER A 345 -4.13 -2.73 22.57
N PHE A 346 -2.99 -2.47 21.92
CA PHE A 346 -2.03 -1.51 22.45
C PHE A 346 -2.69 -0.15 22.65
N ALA A 347 -3.40 0.34 21.62
CA ALA A 347 -3.99 1.67 21.69
C ALA A 347 -4.99 1.77 22.83
N LYS A 348 -5.83 0.76 22.99
CA LYS A 348 -6.83 0.77 24.06
C LYS A 348 -6.17 0.75 25.44
N TRP A 349 -5.06 0.03 25.58
CA TRP A 349 -4.32 0.07 26.84
C TRP A 349 -3.71 1.45 27.07
N PHE A 350 -3.14 2.06 26.02
CA PHE A 350 -2.41 3.31 26.20
C PHE A 350 -3.35 4.46 26.51
N TYR A 351 -4.52 4.47 25.88
CA TYR A 351 -5.49 5.56 26.01
C TYR A 351 -6.87 4.97 26.26
N PRO A 352 -7.10 4.44 27.48
CA PRO A 352 -8.37 3.75 27.74
C PRO A 352 -9.59 4.64 27.52
N GLU A 353 -9.52 5.90 27.95
CA GLU A 353 -10.65 6.80 27.82
C GLU A 353 -11.00 7.03 26.35
N GLN A 354 -10.01 7.35 25.52
CA GLN A 354 -10.26 7.69 24.14
C GLN A 354 -10.69 6.49 23.30
N PHE A 355 -10.41 5.28 23.75
CA PHE A 355 -10.76 4.06 23.03
C PHE A 355 -11.78 3.22 23.80
N ALA A 356 -12.70 3.88 24.51
CA ALA A 356 -13.73 3.14 25.23
C ALA A 356 -14.69 2.45 24.26
N ASP A 357 -14.93 3.04 23.10
CA ASP A 357 -15.83 2.47 22.11
C ASP A 357 -15.18 1.40 21.24
N LEU A 358 -13.87 1.18 21.38
CA LEU A 358 -13.13 0.25 20.53
C LEU A 358 -13.00 -1.09 21.25
N ASP A 359 -13.39 -2.16 20.57
CA ASP A 359 -13.39 -3.51 21.13
C ASP A 359 -12.61 -4.46 20.23
N PRO A 360 -11.33 -4.70 20.52
CA PRO A 360 -10.56 -5.66 19.71
C PRO A 360 -11.20 -7.04 19.63
N LYS A 361 -11.96 -7.46 20.65
CA LYS A 361 -12.63 -8.76 20.58
C LYS A 361 -13.64 -8.78 19.44
N LYS A 362 -14.39 -7.70 19.26
CA LYS A 362 -15.30 -7.66 18.13
C LYS A 362 -14.55 -7.62 16.81
N THR A 363 -13.43 -6.89 16.75
CA THR A 363 -12.62 -6.91 15.53
C THR A 363 -12.20 -8.33 15.18
N MET A 364 -11.77 -9.10 16.18
CA MET A 364 -11.39 -10.48 15.94
C MET A 364 -12.58 -11.32 15.50
N ASP A 365 -13.75 -11.11 16.10
CA ASP A 365 -14.96 -11.78 15.64
C ASP A 365 -15.22 -11.50 14.16
N SER A 366 -15.04 -10.25 13.73
CA SER A 366 -15.27 -9.89 12.34
C SER A 366 -14.23 -10.53 11.42
N LEU A 367 -12.96 -10.49 11.83
CA LEU A 367 -11.91 -11.11 11.03
C LEU A 367 -12.24 -12.58 10.77
N TYR A 368 -12.63 -13.31 11.81
CA TYR A 368 -12.89 -14.74 11.66
C TYR A 368 -14.12 -14.99 10.79
N SER A 369 -15.23 -14.27 11.07
CA SER A 369 -16.45 -14.55 10.31
C SER A 369 -16.29 -14.17 8.84
N GLN A 370 -15.51 -13.14 8.53
CA GLN A 370 -15.39 -12.70 7.15
C GLN A 370 -14.36 -13.52 6.36
N PHE A 371 -13.30 -14.01 7.01
CA PHE A 371 -12.17 -14.56 6.27
C PHE A 371 -11.80 -16.00 6.60
N LEU A 372 -12.22 -16.53 7.74
CA LEU A 372 -11.70 -17.81 8.20
C LEU A 372 -12.80 -18.88 8.25
N ALA A 373 -12.37 -20.13 8.45
CA ALA A 373 -13.26 -21.28 8.50
C ALA A 373 -13.38 -21.89 9.90
N VAL A 374 -12.77 -21.28 10.90
CA VAL A 374 -12.86 -21.73 12.28
C VAL A 374 -13.47 -20.61 13.13
N GLU A 375 -14.00 -21.00 14.28
CA GLU A 375 -14.52 -20.03 15.22
C GLU A 375 -13.39 -19.44 16.07
N PRO A 376 -13.49 -18.17 16.42
CA PRO A 376 -12.54 -17.62 17.39
C PRO A 376 -12.68 -18.31 18.73
N SER A 377 -11.55 -18.46 19.41
CA SER A 377 -11.54 -19.06 20.73
C SER A 377 -10.29 -18.62 21.45
N GLY A 378 -10.29 -18.77 22.76
CA GLY A 378 -9.09 -18.53 23.54
C GLY A 378 -8.86 -17.07 23.89
N THR A 379 -7.61 -16.79 24.26
CA THR A 379 -7.23 -15.52 24.86
C THR A 379 -5.92 -15.06 24.23
N TYR A 380 -5.94 -13.90 23.57
CA TYR A 380 -4.77 -13.40 22.86
C TYR A 380 -4.20 -12.11 23.44
N TRP A 381 -4.81 -11.55 24.46
CA TRP A 381 -4.27 -10.39 25.16
C TRP A 381 -4.90 -10.37 26.54
N ILE A 382 -4.26 -9.66 27.46
CA ILE A 382 -4.77 -9.57 28.84
C ILE A 382 -4.10 -8.40 29.55
N GLU A 383 -4.84 -7.76 30.45
CA GLU A 383 -4.29 -6.76 31.35
C GLU A 383 -4.10 -7.38 32.73
N ALA A 384 -2.96 -7.07 33.35
CA ALA A 384 -2.68 -7.47 34.71
C ALA A 384 -3.76 -6.97 35.66
N ALA B 39 14.15 14.15 11.94
CA ALA B 39 14.23 13.42 10.68
C ALA B 39 14.30 14.37 9.48
N THR B 40 15.14 14.03 8.51
CA THR B 40 15.21 14.77 7.27
C THR B 40 14.93 13.85 6.09
N VAL B 41 14.56 14.47 4.97
CA VAL B 41 14.33 13.79 3.70
C VAL B 41 15.07 14.59 2.62
N THR B 42 15.36 13.90 1.52
CA THR B 42 15.83 14.53 0.29
C THR B 42 14.68 14.55 -0.70
N ASP B 43 14.29 15.74 -1.15
CA ASP B 43 13.11 15.83 -2.00
C ASP B 43 13.50 15.67 -3.47
N MET B 44 12.55 15.86 -4.38
CA MET B 44 12.80 15.58 -5.78
C MET B 44 13.57 16.71 -6.46
N ALA B 45 13.84 17.78 -5.73
CA ALA B 45 14.74 18.85 -6.15
C ALA B 45 16.17 18.63 -5.68
N GLY B 46 16.40 17.61 -4.84
CA GLY B 46 17.70 17.36 -4.25
C GLY B 46 17.94 18.07 -2.94
N ARG B 47 16.93 18.75 -2.42
CA ARG B 47 17.08 19.56 -1.23
C ARG B 47 16.91 18.72 0.03
N THR B 48 17.66 19.09 1.07
CA THR B 48 17.53 18.48 2.38
C THR B 48 16.42 19.21 3.15
N VAL B 49 15.42 18.47 3.60
CA VAL B 49 14.25 19.04 4.25
C VAL B 49 14.08 18.36 5.60
N THR B 50 13.88 19.15 6.65
CA THR B 50 13.62 18.62 7.97
C THR B 50 12.12 18.47 8.15
N ILE B 51 11.68 17.26 8.46
CA ILE B 51 10.25 16.97 8.55
C ILE B 51 9.79 17.23 9.98
N PRO B 52 8.73 18.02 10.17
CA PRO B 52 8.28 18.30 11.54
C PRO B 52 7.75 17.04 12.22
N ALA B 53 7.84 17.05 13.55
CA ALA B 53 7.38 15.91 14.33
C ALA B 53 5.92 15.60 14.06
N LYS B 54 5.11 16.61 13.82
CA LYS B 54 3.73 16.39 13.44
C LYS B 54 3.33 17.36 12.33
N VAL B 55 2.46 16.87 11.46
CA VAL B 55 2.01 17.58 10.28
C VAL B 55 0.50 17.63 10.36
N GLU B 56 -0.06 18.83 10.56
CA GLU B 56 -1.50 19.00 10.66
C GLU B 56 -2.07 19.99 9.66
N ARG B 57 -1.25 20.89 9.13
CA ARG B 57 -1.69 21.92 8.19
C ARG B 57 -0.77 21.91 6.98
N ILE B 58 -1.26 21.32 5.89
CA ILE B 58 -0.50 21.17 4.65
C ILE B 58 -0.94 22.27 3.69
N LEU B 59 0.03 22.93 3.07
CA LEU B 59 -0.23 23.87 1.99
C LEU B 59 0.17 23.22 0.67
N LEU B 60 -0.73 23.25 -0.31
CA LEU B 60 -0.47 22.69 -1.63
C LEU B 60 -0.17 23.83 -2.60
N GLY B 61 1.09 23.91 -3.04
CA GLY B 61 1.52 24.97 -3.96
C GLY B 61 0.93 24.85 -5.35
N GLU B 62 0.58 23.64 -5.77
CA GLU B 62 -0.26 23.43 -6.95
C GLU B 62 -1.46 22.61 -6.48
N GLY B 63 -2.66 23.05 -6.84
CA GLY B 63 -3.85 22.42 -6.29
C GLY B 63 -3.99 20.97 -6.67
N ARG B 64 -3.57 20.62 -7.90
CA ARG B 64 -3.74 19.25 -8.36
C ARG B 64 -2.73 18.29 -7.75
N LEU B 65 -1.82 18.78 -6.90
CA LEU B 65 -1.11 17.89 -5.99
C LEU B 65 -2.08 17.18 -5.06
N PHE B 66 -3.34 17.64 -4.97
CA PHE B 66 -4.34 16.91 -4.20
C PHE B 66 -4.53 15.48 -4.72
N TYR B 67 -4.30 15.21 -6.01
CA TYR B 67 -4.41 13.81 -6.46
C TYR B 67 -3.46 12.93 -5.65
N ALA B 68 -2.22 13.38 -5.49
CA ALA B 68 -1.23 12.58 -4.78
C ALA B 68 -1.54 12.51 -3.28
N VAL B 69 -1.93 13.64 -2.70
CA VAL B 69 -2.20 13.69 -1.27
C VAL B 69 -3.41 12.84 -0.93
N SER B 70 -4.42 12.82 -1.82
CA SER B 70 -5.64 12.05 -1.61
C SER B 70 -5.34 10.58 -1.34
N LEU B 71 -4.30 10.05 -1.98
CA LEU B 71 -3.99 8.63 -1.84
C LEU B 71 -3.46 8.28 -0.46
N LEU B 72 -3.10 9.30 0.33
CA LEU B 72 -2.54 9.12 1.65
C LEU B 72 -3.54 9.39 2.77
N GLU B 73 -4.65 10.06 2.48
CA GLU B 73 -5.48 10.60 3.54
C GLU B 73 -6.68 9.73 3.86
N GLY B 74 -6.83 8.61 3.16
CA GLY B 74 -7.89 7.65 3.47
C GLY B 74 -9.26 8.30 3.40
N ASN B 75 -10.04 8.11 4.46
CA ASN B 75 -11.41 8.60 4.53
C ASN B 75 -11.50 10.05 5.01
N LYS B 76 -10.37 10.74 5.17
CA LYS B 76 -10.34 12.14 5.59
C LYS B 76 -9.53 12.97 4.61
N PRO B 77 -9.95 13.02 3.34
CA PRO B 77 -9.09 13.65 2.33
C PRO B 77 -8.73 15.09 2.61
N LEU B 78 -9.62 15.87 3.21
CA LEU B 78 -9.42 17.33 3.26
C LEU B 78 -8.96 17.84 4.63
N ASP B 79 -8.83 16.96 5.63
CA ASP B 79 -8.69 17.42 7.01
C ASP B 79 -7.37 18.14 7.27
N ARG B 80 -6.32 17.88 6.50
CA ARG B 80 -5.05 18.55 6.73
C ARG B 80 -4.75 19.64 5.69
N ILE B 81 -5.68 19.93 4.79
CA ILE B 81 -5.43 20.90 3.72
C ILE B 81 -5.78 22.29 4.24
N VAL B 82 -4.76 23.10 4.52
CA VAL B 82 -4.98 24.43 5.08
C VAL B 82 -5.12 25.50 3.99
N GLY B 83 -4.64 25.23 2.79
CA GLY B 83 -4.78 26.11 1.65
C GLY B 83 -4.27 25.45 0.39
N TRP B 84 -4.80 25.84 -0.77
CA TRP B 84 -4.27 25.31 -2.02
C TRP B 84 -4.36 26.35 -3.11
N GLN B 85 -3.42 26.28 -4.05
CA GLN B 85 -3.54 27.01 -5.30
C GLN B 85 -4.76 26.50 -6.06
N GLY B 86 -5.38 27.38 -6.83
CA GLY B 86 -6.71 27.15 -7.32
C GLY B 86 -6.90 26.25 -8.52
N ASP B 87 -5.85 25.62 -9.04
CA ASP B 87 -6.00 24.86 -10.28
C ASP B 87 -6.88 23.62 -10.10
N PHE B 88 -6.90 23.01 -8.92
CA PHE B 88 -7.79 21.86 -8.73
C PHE B 88 -9.25 22.32 -8.83
N ARG B 89 -9.61 23.33 -8.04
CA ARG B 89 -10.99 23.83 -8.07
C ARG B 89 -11.37 24.35 -9.45
N LYS B 90 -10.49 25.11 -10.07
CA LYS B 90 -10.85 25.80 -11.30
C LYS B 90 -10.66 24.96 -12.54
N LEU B 91 -9.61 24.12 -12.60
CA LEU B 91 -9.31 23.37 -13.82
C LEU B 91 -9.76 21.92 -13.79
N ASP B 92 -10.07 21.36 -12.61
CA ASP B 92 -10.75 20.07 -12.52
C ASP B 92 -12.03 20.24 -11.73
N PRO B 93 -12.96 21.08 -12.21
CA PRO B 93 -14.23 21.23 -11.50
C PRO B 93 -15.02 19.94 -11.35
N GLN B 94 -14.87 18.99 -12.29
CA GLN B 94 -15.65 17.76 -12.19
C GLN B 94 -15.23 16.93 -10.98
N THR B 95 -13.93 16.67 -10.82
CA THR B 95 -13.47 15.93 -9.64
C THR B 95 -13.79 16.71 -8.37
N TYR B 96 -13.52 18.02 -8.39
CA TYR B 96 -13.84 18.85 -7.23
C TYR B 96 -15.30 18.68 -6.83
N ALA B 97 -16.21 18.63 -7.82
CA ALA B 97 -17.64 18.55 -7.50
C ALA B 97 -18.00 17.23 -6.83
N ILE B 98 -17.37 16.12 -7.27
CA ILE B 98 -17.62 14.85 -6.60
C ILE B 98 -17.23 14.93 -5.13
N TYR B 99 -16.10 15.59 -4.84
CA TYR B 99 -15.70 15.73 -3.44
C TYR B 99 -16.64 16.65 -2.67
N LYS B 100 -17.10 17.74 -3.31
CA LYS B 100 -18.01 18.67 -2.65
C LYS B 100 -19.29 17.97 -2.22
N ALA B 101 -19.78 17.04 -3.03
CA ALA B 101 -21.02 16.37 -2.68
C ALA B 101 -20.90 15.65 -1.34
N LYS B 102 -19.71 15.16 -0.99
CA LYS B 102 -19.52 14.39 0.24
C LYS B 102 -18.80 15.19 1.31
N PHE B 103 -18.09 16.24 0.92
CA PHE B 103 -17.26 17.05 1.83
C PHE B 103 -17.53 18.51 1.48
N PRO B 104 -18.68 19.04 1.88
CA PRO B 104 -19.04 20.41 1.51
C PRO B 104 -18.06 21.45 2.01
N GLN B 105 -17.29 21.14 3.06
CA GLN B 105 -16.31 22.09 3.59
C GLN B 105 -15.17 22.36 2.61
N ILE B 106 -15.18 21.68 1.46
CA ILE B 106 -14.13 21.90 0.47
C ILE B 106 -14.12 23.36 0.00
N ASP B 107 -15.28 24.01 -0.06
CA ASP B 107 -15.35 25.36 -0.60
C ASP B 107 -14.66 26.38 0.29
N GLN B 108 -14.49 26.07 1.58
CA GLN B 108 -13.90 27.01 2.51
C GLN B 108 -12.38 26.93 2.55
N ILE B 109 -11.78 25.92 1.93
CA ILE B 109 -10.32 25.84 1.83
C ILE B 109 -9.83 27.07 1.09
N PRO B 110 -9.00 27.91 1.71
CA PRO B 110 -8.50 29.12 1.04
C PRO B 110 -7.75 28.80 -0.25
N LEU B 111 -8.02 29.59 -1.28
CA LEU B 111 -7.24 29.55 -2.51
C LEU B 111 -6.05 30.50 -2.37
N ILE B 112 -4.93 30.11 -2.97
CA ILE B 112 -3.72 30.93 -2.87
C ILE B 112 -3.14 31.24 -4.24
N ILE B 120 -7.18 34.18 -0.13
CA ILE B 120 -5.98 34.61 0.57
C ILE B 120 -4.92 35.05 -0.44
N SER B 121 -4.38 36.24 -0.24
CA SER B 121 -3.32 36.74 -1.08
C SER B 121 -2.01 36.00 -0.78
N PRO B 122 -1.09 35.93 -1.75
CA PRO B 122 0.23 35.32 -1.47
C PRO B 122 0.97 35.97 -0.30
N GLU B 123 0.53 37.16 0.14
CA GLU B 123 1.17 37.87 1.23
C GLU B 123 0.72 37.37 2.60
N LYS B 124 -0.58 37.15 2.78
CA LYS B 124 -1.16 36.73 4.04
C LYS B 124 -1.22 35.21 4.19
N VAL B 125 -0.42 34.48 3.42
CA VAL B 125 -0.43 33.02 3.50
C VAL B 125 0.07 32.54 4.85
N LEU B 126 1.05 33.25 5.44
CA LEU B 126 1.63 32.80 6.69
C LEU B 126 0.65 32.80 7.86
N THR B 127 -0.47 33.52 7.76
CA THR B 127 -1.46 33.47 8.83
C THR B 127 -2.25 32.16 8.81
N LEU B 128 -2.23 31.42 7.70
CA LEU B 128 -2.76 30.06 7.72
C LEU B 128 -1.91 29.15 8.60
N ASN B 129 -0.67 29.55 8.88
CA ASN B 129 0.22 28.84 9.78
C ASN B 129 0.42 27.36 9.39
N PRO B 130 0.99 27.10 8.22
CA PRO B 130 1.17 25.71 7.79
C PRO B 130 2.35 25.05 8.48
N ASP B 131 2.26 23.72 8.60
CA ASP B 131 3.38 22.92 9.10
C ASP B 131 4.38 22.59 8.01
N ILE B 132 3.91 22.56 6.75
CA ILE B 132 4.70 22.06 5.64
C ILE B 132 3.97 22.47 4.37
N ALA B 133 4.70 22.58 3.27
CA ALA B 133 4.13 22.90 1.97
C ALA B 133 4.70 21.96 0.92
N ILE B 134 3.88 21.63 -0.08
CA ILE B 134 4.26 20.73 -1.17
C ILE B 134 4.21 21.51 -2.47
N PHE B 135 5.24 21.36 -3.30
CA PHE B 135 5.31 21.96 -4.61
C PHE B 135 5.79 20.93 -5.62
N GLY B 136 5.39 21.11 -6.87
CA GLY B 136 5.94 20.30 -7.93
C GLY B 136 7.14 20.97 -8.58
N LEU B 137 7.98 20.15 -9.22
CA LEU B 137 9.12 20.68 -9.97
C LEU B 137 8.63 21.46 -11.18
N GLU B 147 8.66 34.38 -5.41
CA GLU B 147 8.24 33.00 -5.18
C GLU B 147 7.57 32.82 -3.84
N LEU B 148 6.44 32.10 -3.84
CA LEU B 148 5.89 31.61 -2.59
C LEU B 148 6.87 30.67 -1.89
N VAL B 149 7.61 29.89 -2.69
CA VAL B 149 8.65 29.01 -2.15
C VAL B 149 9.63 29.80 -1.32
N LYS B 150 10.28 30.80 -1.94
CA LYS B 150 11.22 31.65 -1.23
C LYS B 150 10.56 32.28 -0.01
N GLN B 151 9.34 32.80 -0.18
CA GLN B 151 8.60 33.39 0.93
C GLN B 151 8.45 32.41 2.08
N LEU B 152 8.21 31.13 1.77
CA LEU B 152 8.01 30.13 2.82
C LEU B 152 9.33 29.68 3.43
N GLU B 153 10.39 29.58 2.62
CA GLU B 153 11.68 29.12 3.11
C GLU B 153 12.23 30.03 4.20
N LYS B 154 11.93 31.33 4.15
CA LYS B 154 12.40 32.24 5.19
C LYS B 154 11.50 32.31 6.40
N ALA B 155 10.26 31.88 6.29
CA ALA B 155 9.43 31.72 7.49
C ALA B 155 9.77 30.45 8.27
N GLY B 156 10.71 29.64 7.78
CA GLY B 156 11.02 28.39 8.44
C GLY B 156 9.95 27.33 8.25
N VAL B 157 9.28 27.34 7.11
CA VAL B 157 8.24 26.35 6.81
C VAL B 157 8.86 25.32 5.87
N PRO B 158 8.91 24.04 6.25
CA PRO B 158 9.48 23.02 5.36
C PRO B 158 8.74 22.99 4.03
N VAL B 159 9.49 22.94 2.95
CA VAL B 159 8.95 22.85 1.60
C VAL B 159 9.51 21.60 0.97
N VAL B 160 8.64 20.79 0.37
CA VAL B 160 9.01 19.51 -0.23
C VAL B 160 8.61 19.56 -1.69
N PHE B 161 9.58 19.34 -2.57
CA PHE B 161 9.32 19.27 -4.02
C PHE B 161 9.11 17.82 -4.44
N VAL B 162 8.05 17.58 -5.21
CA VAL B 162 7.73 16.28 -5.80
C VAL B 162 7.67 16.45 -7.32
N ASP B 163 7.52 15.32 -8.03
CA ASP B 163 7.38 15.40 -9.48
C ASP B 163 6.61 14.22 -10.07
N PHE B 164 5.47 14.52 -10.71
CA PHE B 164 4.73 13.55 -11.51
C PHE B 164 4.66 13.97 -12.97
N ARG B 165 5.32 15.06 -13.31
CA ARG B 165 5.27 15.78 -14.58
C ARG B 165 6.43 15.55 -15.53
N ASN B 166 7.66 15.57 -15.00
CA ASN B 166 8.84 15.70 -15.85
C ASN B 166 9.31 14.36 -16.39
N SER B 167 9.45 13.37 -15.52
CA SER B 167 9.83 12.01 -15.92
C SER B 167 8.95 11.06 -15.13
N PRO B 168 7.69 10.88 -15.56
CA PRO B 168 6.72 10.16 -14.71
C PRO B 168 7.11 8.72 -14.40
N LEU B 169 7.79 8.03 -15.32
CA LEU B 169 8.12 6.63 -15.06
C LEU B 169 9.23 6.52 -14.02
N LYS B 170 10.07 7.54 -13.92
CA LYS B 170 11.14 7.52 -12.94
C LYS B 170 10.72 8.09 -11.59
N ASN B 171 9.86 9.11 -11.59
CA ASN B 171 9.68 9.94 -10.42
C ASN B 171 8.35 9.74 -9.70
N THR B 172 7.38 9.03 -10.29
CA THR B 172 6.08 8.91 -9.64
C THR B 172 6.20 8.20 -8.29
N LEU B 173 6.86 7.05 -8.25
CA LEU B 173 6.90 6.30 -7.00
C LEU B 173 7.88 6.90 -5.98
N PRO B 174 9.08 7.34 -6.37
CA PRO B 174 9.88 8.14 -5.41
C PRO B 174 9.14 9.33 -4.84
N SER B 175 8.32 10.03 -5.64
CA SER B 175 7.55 11.15 -5.11
C SER B 175 6.54 10.67 -4.08
N MET B 176 5.89 9.53 -4.34
CA MET B 176 4.92 9.01 -3.37
C MET B 176 5.60 8.57 -2.09
N ARG B 177 6.77 7.92 -2.19
CA ARG B 177 7.49 7.51 -0.98
C ARG B 177 7.91 8.72 -0.15
N LEU B 178 8.44 9.75 -0.83
CA LEU B 178 8.79 11.00 -0.17
C LEU B 178 7.59 11.62 0.52
N LEU B 179 6.45 11.69 -0.17
CA LEU B 179 5.26 12.25 0.45
C LEU B 179 4.85 11.44 1.69
N GLY B 180 4.99 10.11 1.61
CA GLY B 180 4.67 9.31 2.78
C GLY B 180 5.51 9.70 3.98
N LYS B 181 6.78 9.98 3.75
CA LYS B 181 7.66 10.33 4.87
C LYS B 181 7.40 11.74 5.35
N ALA B 182 7.20 12.68 4.42
CA ALA B 182 7.01 14.08 4.79
C ALA B 182 5.70 14.32 5.52
N LEU B 183 4.67 13.52 5.21
CA LEU B 183 3.35 13.72 5.79
C LEU B 183 2.94 12.63 6.78
N HIS B 184 3.89 11.80 7.23
CA HIS B 184 3.63 10.75 8.22
C HIS B 184 2.47 9.84 7.79
N ARG B 185 2.53 9.39 6.54
CA ARG B 185 1.57 8.43 5.98
C ARG B 185 2.32 7.33 5.22
N GLU B 186 3.36 6.79 5.86
CA GLU B 186 4.17 5.80 5.17
C GLU B 186 3.40 4.52 4.89
N GLN B 187 2.46 4.15 5.75
CA GLN B 187 1.68 2.93 5.49
C GLN B 187 0.89 3.06 4.20
N GLN B 188 0.21 4.19 4.02
CA GLN B 188 -0.59 4.42 2.83
C GLN B 188 0.30 4.54 1.59
N ALA B 189 1.41 5.26 1.71
CA ALA B 189 2.30 5.45 0.55
C ALA B 189 2.88 4.12 0.09
N GLU B 190 3.39 3.32 1.03
CA GLU B 190 3.98 2.05 0.64
C GLU B 190 2.92 1.10 0.08
N ASN B 191 1.68 1.19 0.59
CA ASN B 191 0.58 0.40 0.04
C ASN B 191 0.33 0.79 -1.41
N TYR B 192 0.26 2.09 -1.69
CA TYR B 192 -0.01 2.56 -3.04
C TYR B 192 1.15 2.22 -4.00
N ILE B 193 2.37 2.41 -3.54
CA ILE B 193 3.54 2.07 -4.36
C ILE B 193 3.48 0.61 -4.78
N ASN B 194 3.11 -0.27 -3.84
CA ASN B 194 2.98 -1.67 -4.20
C ASN B 194 1.82 -1.90 -5.17
N PHE B 195 0.68 -1.28 -4.90
CA PHE B 195 -0.46 -1.36 -5.81
C PHE B 195 -0.10 -0.90 -7.22
N TYR B 196 0.59 0.25 -7.30
CA TYR B 196 0.99 0.82 -8.59
C TYR B 196 1.95 -0.11 -9.32
N GLN B 197 3.02 -0.53 -8.64
CA GLN B 197 4.02 -1.36 -9.30
C GLN B 197 3.42 -2.69 -9.74
N ASP B 198 2.56 -3.28 -8.90
CA ASP B 198 1.83 -4.50 -9.27
C ASP B 198 1.13 -4.30 -10.60
N ASN B 199 0.42 -3.20 -10.73
CA ASN B 199 -0.37 -2.97 -11.93
C ASN B 199 0.45 -2.52 -13.13
N VAL B 200 1.65 -1.96 -12.90
CA VAL B 200 2.56 -1.75 -14.02
C VAL B 200 3.21 -3.05 -14.46
N ASP B 201 3.60 -3.91 -13.50
CA ASP B 201 4.14 -5.22 -13.84
C ASP B 201 3.19 -5.98 -14.79
N LYS B 202 1.87 -5.81 -14.59
CA LYS B 202 0.93 -6.51 -15.45
C LYS B 202 1.11 -6.11 -16.91
N VAL B 203 1.50 -4.86 -17.15
CA VAL B 203 1.71 -4.36 -18.50
C VAL B 203 3.06 -4.82 -19.03
N THR B 204 4.13 -4.56 -18.28
CA THR B 204 5.47 -4.80 -18.80
C THR B 204 5.75 -6.28 -18.99
N ASP B 205 5.01 -7.16 -18.30
CA ASP B 205 5.10 -8.59 -18.57
C ASP B 205 4.94 -8.88 -20.06
N ILE B 206 4.04 -8.15 -20.71
CA ILE B 206 3.80 -8.28 -22.15
C ILE B 206 4.73 -7.36 -22.94
N THR B 207 4.78 -6.08 -22.58
CA THR B 207 5.39 -5.12 -23.48
C THR B 207 6.91 -5.14 -23.41
N ASN B 208 7.50 -5.72 -22.36
CA ASN B 208 8.94 -5.88 -22.31
C ASN B 208 9.47 -6.78 -23.41
N LYS B 209 8.61 -7.65 -23.96
CA LYS B 209 9.00 -8.69 -24.90
C LYS B 209 8.94 -8.27 -26.36
N ILE B 210 8.30 -7.15 -26.67
CA ILE B 210 7.96 -6.84 -28.06
C ILE B 210 9.17 -6.21 -28.73
N PRO B 211 9.60 -6.71 -29.89
CA PRO B 211 10.69 -6.04 -30.62
C PRO B 211 10.24 -4.69 -31.11
N GLU B 212 11.19 -3.74 -31.18
CA GLU B 212 10.86 -2.40 -31.63
C GLU B 212 10.08 -2.44 -32.95
N ASP B 213 10.46 -3.34 -33.87
CA ASP B 213 9.86 -3.34 -35.20
C ASP B 213 8.48 -3.99 -35.25
N LYS B 214 7.93 -4.40 -34.12
CA LYS B 214 6.56 -4.87 -34.08
C LYS B 214 5.67 -3.99 -33.21
N LYS B 215 6.22 -2.93 -32.64
CA LYS B 215 5.40 -2.03 -31.83
C LYS B 215 4.54 -1.16 -32.74
N PRO B 216 3.28 -0.95 -32.38
CA PRO B 216 2.46 0.01 -33.14
C PRO B 216 3.02 1.42 -32.98
N SER B 217 3.01 2.16 -34.08
CA SER B 217 3.30 3.58 -34.04
C SER B 217 2.08 4.34 -33.53
N VAL B 218 2.33 5.39 -32.75
CA VAL B 218 1.29 6.09 -32.02
C VAL B 218 1.52 7.59 -32.17
N PHE B 219 0.46 8.34 -32.50
CA PHE B 219 0.48 9.79 -32.38
C PHE B 219 -0.51 10.18 -31.28
N ILE B 220 -0.06 10.96 -30.30
CA ILE B 220 -0.97 11.48 -29.29
C ILE B 220 -1.12 12.98 -29.51
N GLU B 221 -2.35 13.43 -29.67
CA GLU B 221 -2.65 14.85 -29.85
C GLU B 221 -3.12 15.39 -28.50
N LEU B 222 -2.27 16.16 -27.84
CA LEU B 222 -2.59 16.65 -26.50
C LEU B 222 -3.54 17.83 -26.60
N ARG B 223 -4.57 17.82 -25.74
CA ARG B 223 -5.61 18.86 -25.78
C ARG B 223 -6.15 19.03 -27.19
N ALA B 224 -6.41 17.90 -27.85
CA ALA B 224 -6.80 17.87 -29.25
C ALA B 224 -8.05 18.70 -29.52
N GLY B 225 -8.00 19.52 -30.57
CA GLY B 225 -9.19 20.25 -30.97
C GLY B 225 -9.60 21.38 -30.05
N ALA B 226 -8.76 21.75 -29.07
CA ALA B 226 -9.07 22.90 -28.24
C ALA B 226 -9.06 24.20 -29.05
N SER B 227 -8.38 24.20 -30.19
CA SER B 227 -8.40 25.32 -31.13
C SER B 227 -8.42 24.78 -32.56
N GLU B 228 -8.44 25.69 -33.53
CA GLU B 228 -8.25 25.33 -34.93
C GLU B 228 -6.81 25.02 -35.26
N GLU B 229 -5.88 25.14 -34.31
CA GLU B 229 -4.48 24.84 -34.55
C GLU B 229 -4.18 23.44 -34.05
N CYS B 230 -3.76 22.56 -34.95
CA CYS B 230 -3.70 21.15 -34.65
C CYS B 230 -2.34 20.70 -34.14
N CYS B 231 -2.31 19.50 -33.57
CA CYS B 231 -1.13 18.65 -33.56
C CYS B 231 -0.07 19.07 -32.54
N GLY B 232 -0.49 19.60 -31.40
CA GLY B 232 0.38 19.60 -30.23
C GLY B 232 0.52 18.17 -29.70
N THR B 233 1.71 17.84 -29.24
CA THR B 233 1.99 16.44 -28.90
C THR B 233 3.09 16.37 -27.85
N ALA B 234 3.44 15.14 -27.48
CA ALA B 234 4.45 14.86 -26.47
C ALA B 234 5.62 14.12 -27.10
N GLY B 235 6.83 14.47 -26.69
CA GLY B 235 8.02 13.76 -27.10
C GLY B 235 8.50 12.81 -26.02
N LYS B 236 9.78 12.90 -25.65
CA LYS B 236 10.30 12.14 -24.52
C LYS B 236 9.88 12.83 -23.25
N GLY B 237 8.99 12.20 -22.49
CA GLY B 237 8.37 12.78 -21.32
C GLY B 237 6.88 13.01 -21.54
N ASN B 238 6.24 13.41 -20.45
CA ASN B 238 4.79 13.71 -20.48
C ASN B 238 4.09 12.39 -20.80
N MET B 239 3.00 12.44 -21.57
CA MET B 239 2.30 11.24 -21.96
C MET B 239 3.16 10.32 -22.82
N GLY B 240 4.21 10.86 -23.45
CA GLY B 240 5.07 10.02 -24.27
C GLY B 240 5.69 8.87 -23.50
N ASP B 241 6.03 9.09 -22.22
CA ASP B 241 6.62 8.03 -21.42
C ASP B 241 5.60 6.94 -21.10
N PHE B 242 4.30 7.28 -21.09
CA PHE B 242 3.31 6.21 -20.96
C PHE B 242 3.21 5.41 -22.26
N ILE B 243 3.31 6.10 -23.40
CA ILE B 243 3.35 5.37 -24.66
C ILE B 243 4.50 4.39 -24.66
N ASP B 244 5.67 4.83 -24.20
CA ASP B 244 6.86 3.99 -24.14
C ASP B 244 6.62 2.76 -23.28
N GLN B 245 6.13 2.98 -22.06
CA GLN B 245 6.00 1.84 -21.15
C GLN B 245 4.90 0.89 -21.59
N ALA B 246 3.90 1.38 -22.31
CA ALA B 246 2.84 0.50 -22.80
C ALA B 246 3.22 -0.16 -24.12
N GLY B 247 4.49 -0.06 -24.53
CA GLY B 247 4.95 -0.79 -25.70
C GLY B 247 4.65 -0.15 -27.04
N GLY B 248 4.32 1.15 -27.07
CA GLY B 248 4.10 1.83 -28.33
C GLY B 248 5.34 2.53 -28.83
N ASN B 249 5.27 2.98 -30.09
CA ASN B 249 6.33 3.76 -30.73
C ASN B 249 5.78 5.16 -31.00
N ASN B 250 6.09 6.09 -30.10
CA ASN B 250 5.63 7.48 -30.21
C ASN B 250 6.28 8.14 -31.41
N ILE B 251 5.47 8.52 -32.42
CA ILE B 251 6.06 9.07 -33.63
C ILE B 251 6.73 10.41 -33.40
N ALA B 252 6.41 11.11 -32.31
CA ALA B 252 7.01 12.41 -32.05
C ALA B 252 8.25 12.34 -31.17
N LYS B 253 8.61 11.16 -30.64
CA LYS B 253 9.58 11.12 -29.55
C LYS B 253 10.97 11.55 -29.99
N ASN B 254 11.40 11.13 -31.16
CA ASN B 254 12.70 11.53 -31.68
C ASN B 254 12.64 12.83 -32.44
N LEU B 255 11.46 13.46 -32.55
CA LEU B 255 11.30 14.67 -33.34
C LEU B 255 11.42 15.95 -32.52
N LEU B 256 11.11 15.90 -31.24
CA LEU B 256 11.04 17.14 -30.50
C LEU B 256 12.25 17.31 -29.59
N PRO B 257 12.78 18.53 -29.46
CA PRO B 257 13.88 18.75 -28.50
C PRO B 257 13.49 18.43 -27.06
N GLY B 258 12.27 18.79 -26.66
CA GLY B 258 11.85 18.59 -25.29
C GLY B 258 10.64 17.67 -25.16
N SER B 259 10.01 17.70 -23.99
CA SER B 259 8.86 16.83 -23.77
C SER B 259 7.59 17.30 -24.48
N LEU B 260 7.55 18.56 -24.97
CA LEU B 260 6.35 19.09 -25.59
C LEU B 260 6.69 19.88 -26.85
N GLY B 261 5.74 19.95 -27.76
CA GLY B 261 5.90 20.71 -28.99
C GLY B 261 4.79 20.38 -29.96
N THR B 262 4.82 21.06 -31.10
CA THR B 262 3.86 20.78 -32.14
C THR B 262 4.56 20.21 -33.37
N VAL B 263 3.98 19.19 -33.96
CA VAL B 263 4.47 18.61 -35.19
C VAL B 263 3.47 18.94 -36.28
N ASN B 264 3.98 19.15 -37.48
CA ASN B 264 3.13 19.61 -38.56
C ASN B 264 2.18 18.52 -38.99
N LEU B 265 0.91 18.90 -39.22
CA LEU B 265 -0.11 17.95 -39.65
C LEU B 265 0.34 17.08 -40.81
N GLU B 266 1.03 17.67 -41.80
CA GLU B 266 1.48 16.87 -42.93
C GLU B 266 2.54 15.86 -42.50
N LYS B 267 3.35 16.19 -41.49
CA LYS B 267 4.31 15.21 -40.99
C LYS B 267 3.60 14.07 -40.25
N VAL B 268 2.51 14.39 -39.53
CA VAL B 268 1.68 13.35 -38.92
C VAL B 268 1.08 12.45 -39.98
N LEU B 269 0.50 13.04 -41.02
CA LEU B 269 -0.05 12.24 -42.11
C LEU B 269 1.04 11.41 -42.80
N ALA B 270 2.25 11.98 -42.95
CA ALA B 270 3.34 11.23 -43.55
C ALA B 270 3.80 10.08 -42.67
N ALA B 271 3.63 10.21 -41.36
CA ALA B 271 4.04 9.15 -40.44
C ALA B 271 3.11 7.94 -40.49
N LYS B 272 1.87 8.12 -40.93
CA LYS B 272 0.83 7.09 -40.96
C LYS B 272 0.82 6.28 -39.64
N PRO B 273 0.53 6.94 -38.52
CA PRO B 273 0.54 6.23 -37.23
C PRO B 273 -0.47 5.10 -37.22
N ASP B 274 -0.07 3.97 -36.63
CA ASP B 274 -1.04 2.88 -36.47
C ASP B 274 -2.18 3.27 -35.55
N ILE B 275 -1.90 4.11 -34.55
CA ILE B 275 -2.85 4.39 -33.49
C ILE B 275 -2.87 5.89 -33.25
N TYR B 276 -4.07 6.45 -33.07
CA TYR B 276 -4.25 7.86 -32.76
C TYR B 276 -4.90 7.98 -31.38
N ILE B 277 -4.36 8.85 -30.52
CA ILE B 277 -4.92 9.10 -29.20
C ILE B 277 -5.09 10.60 -29.04
N ALA B 278 -6.26 11.04 -28.58
CA ALA B 278 -6.51 12.45 -28.29
C ALA B 278 -6.67 12.63 -26.79
N SER B 279 -6.08 13.67 -26.20
CA SER B 279 -6.27 13.90 -24.77
C SER B 279 -7.14 15.12 -24.54
N GLY B 280 -7.89 15.12 -23.45
CA GLY B 280 -8.66 16.29 -23.10
C GLY B 280 -9.31 16.11 -21.76
N GLY B 281 -9.96 17.16 -21.29
CA GLY B 281 -10.63 17.02 -19.99
C GLY B 281 -11.80 17.97 -19.86
N LYS B 282 -12.48 18.25 -20.97
CA LYS B 282 -13.51 19.26 -20.97
C LYS B 282 -14.76 18.80 -20.23
N SER B 283 -15.50 19.75 -19.68
CA SER B 283 -16.71 19.40 -18.96
C SER B 283 -17.84 19.15 -19.96
N PRO B 284 -18.78 18.27 -19.62
CA PRO B 284 -19.84 17.93 -20.57
C PRO B 284 -20.77 19.11 -20.79
N GLY B 285 -21.33 19.15 -21.99
CA GLY B 285 -22.33 20.15 -22.30
C GLY B 285 -21.82 21.56 -22.37
N SER B 286 -20.50 21.75 -22.34
CA SER B 286 -19.95 23.09 -22.39
C SER B 286 -19.87 23.57 -23.83
N ASP B 287 -19.35 24.78 -24.02
CA ASP B 287 -19.19 25.38 -25.33
C ASP B 287 -17.77 25.34 -25.86
N ALA B 288 -16.78 25.18 -25.00
CA ALA B 288 -15.40 25.15 -25.45
C ALA B 288 -15.13 23.86 -26.21
N PRO B 289 -14.48 23.92 -27.38
CA PRO B 289 -14.19 22.69 -28.11
C PRO B 289 -13.12 21.86 -27.41
N GLY B 290 -13.14 20.57 -27.70
CA GLY B 290 -12.17 19.65 -27.17
C GLY B 290 -12.80 18.36 -26.69
N VAL B 291 -11.94 17.44 -26.27
CA VAL B 291 -12.36 16.13 -25.79
C VAL B 291 -12.95 16.27 -24.39
N VAL B 292 -14.11 15.68 -24.18
CA VAL B 292 -14.89 15.73 -22.95
C VAL B 292 -14.66 14.43 -22.20
N LEU B 293 -14.00 14.52 -21.05
CA LEU B 293 -13.69 13.39 -20.18
C LEU B 293 -13.57 13.89 -18.75
N GLY B 294 -13.85 13.03 -17.79
CA GLY B 294 -13.73 13.45 -16.40
C GLY B 294 -14.76 12.77 -15.52
N ALA B 295 -14.75 13.19 -14.25
CA ALA B 295 -15.50 12.50 -13.21
C ALA B 295 -17.01 12.58 -13.40
N GLN B 296 -17.49 13.50 -14.22
CA GLN B 296 -18.93 13.69 -14.45
C GLN B 296 -19.34 13.40 -15.90
N VAL B 297 -18.48 12.77 -16.69
CA VAL B 297 -18.72 12.53 -18.11
C VAL B 297 -19.21 11.10 -18.32
N THR B 298 -20.26 10.94 -19.14
CA THR B 298 -20.77 9.63 -19.54
C THR B 298 -20.06 9.13 -20.79
N PRO B 299 -20.11 7.82 -21.08
CA PRO B 299 -19.55 7.34 -22.34
C PRO B 299 -20.19 7.99 -23.55
N GLU B 300 -21.47 8.37 -23.47
CA GLU B 300 -22.13 8.99 -24.61
C GLU B 300 -21.55 10.37 -24.87
N GLN B 301 -21.31 11.16 -23.82
CA GLN B 301 -20.74 12.49 -24.02
C GLN B 301 -19.30 12.39 -24.50
N ALA B 302 -18.53 11.48 -23.92
CA ALA B 302 -17.15 11.32 -24.35
C ALA B 302 -17.07 10.88 -25.81
N GLN B 303 -17.90 9.91 -26.21
CA GLN B 303 -17.90 9.42 -27.58
C GLN B 303 -18.26 10.52 -28.57
N ALA B 304 -19.31 11.29 -28.25
CA ALA B 304 -19.73 12.36 -29.15
C ALA B 304 -18.62 13.40 -29.31
N SER B 305 -17.90 13.72 -28.23
CA SER B 305 -16.83 14.71 -28.34
C SER B 305 -15.67 14.18 -29.16
N LEU B 306 -15.36 12.88 -29.00
CA LEU B 306 -14.29 12.28 -29.79
C LEU B 306 -14.65 12.26 -31.27
N GLN B 307 -15.91 11.94 -31.59
CA GLN B 307 -16.31 11.89 -33.00
C GLN B 307 -16.13 13.24 -33.68
N LYS B 308 -16.39 14.33 -32.97
CA LYS B 308 -16.18 15.63 -33.57
C LYS B 308 -14.68 15.93 -33.75
N ILE B 309 -13.88 15.53 -32.76
CA ILE B 309 -12.41 15.69 -32.87
C ILE B 309 -11.88 14.96 -34.11
N LEU B 310 -12.41 13.77 -34.38
CA LEU B 310 -11.93 12.94 -35.49
C LEU B 310 -12.41 13.44 -36.85
N GLY B 311 -13.39 14.34 -36.89
CA GLY B 311 -13.86 14.86 -38.16
C GLY B 311 -13.09 16.02 -38.72
N ARG B 312 -12.11 16.54 -37.98
CA ARG B 312 -11.35 17.70 -38.43
C ARG B 312 -10.55 17.40 -39.70
N LYS B 313 -10.17 18.48 -40.38
CA LYS B 313 -9.43 18.38 -41.63
C LYS B 313 -8.11 17.64 -41.44
N GLY B 314 -7.78 16.79 -42.42
CA GLY B 314 -6.52 16.05 -42.43
C GLY B 314 -6.52 14.89 -41.47
N ILE B 315 -6.85 15.16 -40.20
CA ILE B 315 -7.06 14.10 -39.21
C ILE B 315 -8.03 13.05 -39.72
N ASN B 316 -9.11 13.48 -40.38
CA ASN B 316 -10.11 12.52 -40.84
C ASN B 316 -9.63 11.65 -42.01
N THR B 317 -8.42 11.84 -42.51
CA THR B 317 -7.85 10.98 -43.56
C THR B 317 -6.87 9.97 -43.00
N LEU B 318 -6.53 10.04 -41.72
CA LEU B 318 -5.65 9.06 -41.11
C LEU B 318 -6.28 7.67 -41.13
N SER B 319 -5.48 6.67 -41.49
CA SER B 319 -6.01 5.30 -41.46
C SER B 319 -6.39 4.90 -40.04
N ALA B 320 -5.63 5.35 -39.03
CA ALA B 320 -5.98 4.99 -37.66
C ALA B 320 -7.37 5.48 -37.28
N VAL B 321 -7.80 6.59 -37.88
CA VAL B 321 -9.13 7.17 -37.63
C VAL B 321 -10.22 6.37 -38.35
N ASN B 322 -9.95 5.91 -39.57
CA ASN B 322 -11.00 5.28 -40.36
C ASN B 322 -11.03 3.76 -40.20
N THR B 323 -10.15 3.17 -39.39
CA THR B 323 -10.13 1.72 -39.20
C THR B 323 -10.37 1.32 -37.75
N GLY B 324 -10.86 2.23 -36.91
CA GLY B 324 -11.15 1.89 -35.53
C GLY B 324 -9.93 1.71 -34.65
N HIS B 325 -8.92 2.57 -34.82
CA HIS B 325 -7.76 2.60 -33.96
C HIS B 325 -7.57 4.00 -33.39
N SER B 326 -8.67 4.64 -33.01
CA SER B 326 -8.67 5.99 -32.43
C SER B 326 -9.27 5.96 -31.02
N TYR B 327 -8.65 6.70 -30.10
CA TYR B 327 -8.96 6.62 -28.67
C TYR B 327 -8.82 7.99 -28.04
N ALA B 328 -9.40 8.14 -26.84
CA ALA B 328 -9.25 9.37 -26.08
C ALA B 328 -8.83 9.06 -24.65
N ILE B 329 -7.98 9.90 -24.06
CA ILE B 329 -7.48 9.70 -22.71
C ILE B 329 -7.62 11.02 -21.93
N TRP B 330 -7.96 10.91 -20.64
CA TRP B 330 -8.07 12.11 -19.78
C TRP B 330 -6.72 12.80 -19.66
N HIS B 331 -6.69 14.12 -19.94
CA HIS B 331 -5.39 14.80 -20.01
C HIS B 331 -4.69 14.86 -18.66
N ASN B 332 -5.45 14.92 -17.57
CA ASN B 332 -4.82 15.13 -16.26
C ASN B 332 -3.97 13.97 -15.78
N TYR B 333 -4.01 12.81 -16.43
CA TYR B 333 -3.00 11.80 -16.13
C TYR B 333 -1.58 12.26 -16.45
N TYR B 334 -1.40 13.37 -17.19
CA TYR B 334 -0.04 13.84 -17.45
C TYR B 334 0.66 14.35 -16.20
N ASN B 335 -0.05 14.58 -15.10
CA ASN B 335 0.56 15.09 -13.86
C ASN B 335 -0.20 14.54 -12.66
N SER B 336 -0.16 13.20 -12.49
CA SER B 336 -0.89 12.57 -11.40
C SER B 336 -0.38 11.16 -11.16
N PRO B 337 -0.17 10.74 -9.91
CA PRO B 337 0.19 9.34 -9.62
C PRO B 337 -0.89 8.33 -9.99
N TYR B 338 -2.09 8.76 -10.40
CA TYR B 338 -3.05 7.82 -10.94
C TYR B 338 -2.69 7.38 -12.35
N ASN B 339 -1.55 7.83 -12.88
CA ASN B 339 -1.22 7.59 -14.28
C ASN B 339 -1.10 6.13 -14.64
N VAL B 340 -1.01 5.21 -13.67
CA VAL B 340 -0.99 3.80 -13.99
C VAL B 340 -2.22 3.41 -14.80
N LEU B 341 -3.34 4.12 -14.61
CA LEU B 341 -4.54 3.84 -15.39
C LEU B 341 -4.37 4.19 -16.86
N ALA B 342 -3.60 5.24 -17.15
CA ALA B 342 -3.33 5.60 -18.54
C ALA B 342 -2.37 4.60 -19.18
N ILE B 343 -1.34 4.18 -18.43
CA ILE B 343 -0.41 3.16 -18.91
C ILE B 343 -1.16 1.88 -19.30
N GLN B 344 -2.07 1.40 -18.43
CA GLN B 344 -2.82 0.18 -18.73
C GLN B 344 -3.74 0.37 -19.92
N SER B 345 -4.48 1.48 -19.97
CA SER B 345 -5.35 1.74 -21.10
C SER B 345 -4.57 1.76 -22.43
N PHE B 346 -3.45 2.49 -22.46
CA PHE B 346 -2.62 2.51 -23.67
C PHE B 346 -2.20 1.10 -24.06
N ALA B 347 -1.69 0.32 -23.09
CA ALA B 347 -1.17 -1.00 -23.42
C ALA B 347 -2.26 -1.90 -23.97
N LYS B 348 -3.48 -1.81 -23.40
CA LYS B 348 -4.60 -2.62 -23.86
C LYS B 348 -5.09 -2.18 -25.24
N TRP B 349 -4.98 -0.88 -25.54
CA TRP B 349 -5.26 -0.42 -26.89
C TRP B 349 -4.22 -0.92 -27.89
N PHE B 350 -2.95 -0.95 -27.49
CA PHE B 350 -1.87 -1.29 -28.42
C PHE B 350 -1.82 -2.79 -28.68
N TYR B 351 -2.14 -3.61 -27.67
CA TYR B 351 -2.02 -5.06 -27.75
C TYR B 351 -3.31 -5.69 -27.23
N PRO B 352 -4.40 -5.58 -27.99
CA PRO B 352 -5.70 -6.02 -27.47
C PRO B 352 -5.79 -7.51 -27.13
N GLU B 353 -5.23 -8.40 -27.97
CA GLU B 353 -5.38 -9.81 -27.67
C GLU B 353 -4.53 -10.22 -26.47
N GLN B 354 -3.33 -9.64 -26.35
CA GLN B 354 -2.47 -9.98 -25.21
C GLN B 354 -3.03 -9.48 -23.88
N PHE B 355 -3.89 -8.46 -23.89
CA PHE B 355 -4.43 -7.91 -22.66
C PHE B 355 -5.93 -8.16 -22.51
N ALA B 356 -6.43 -9.24 -23.12
CA ALA B 356 -7.87 -9.53 -23.02
C ALA B 356 -8.30 -9.67 -21.56
N ASP B 357 -7.39 -10.11 -20.68
CA ASP B 357 -7.70 -10.33 -19.28
C ASP B 357 -7.59 -9.06 -18.43
N LEU B 358 -6.98 -8.00 -18.96
CA LEU B 358 -6.75 -6.79 -18.18
C LEU B 358 -7.94 -5.84 -18.35
N ASP B 359 -8.48 -5.38 -17.23
CA ASP B 359 -9.61 -4.45 -17.24
C ASP B 359 -9.24 -3.19 -16.47
N PRO B 360 -8.80 -2.13 -17.14
CA PRO B 360 -8.46 -0.89 -16.42
C PRO B 360 -9.61 -0.35 -15.58
N LYS B 361 -10.87 -0.60 -15.95
CA LYS B 361 -11.96 -0.16 -15.09
C LYS B 361 -11.89 -0.83 -13.74
N LYS B 362 -11.45 -2.08 -13.70
CA LYS B 362 -11.33 -2.76 -12.42
C LYS B 362 -10.12 -2.24 -11.65
N THR B 363 -9.02 -1.93 -12.36
CA THR B 363 -7.89 -1.30 -11.68
C THR B 363 -8.32 -0.02 -11.00
N MET B 364 -9.11 0.80 -11.70
CA MET B 364 -9.58 2.06 -11.10
C MET B 364 -10.52 1.80 -9.92
N ASP B 365 -11.41 0.81 -10.03
CA ASP B 365 -12.26 0.43 -8.91
C ASP B 365 -11.42 0.09 -7.68
N SER B 366 -10.39 -0.75 -7.86
CA SER B 366 -9.54 -1.12 -6.73
C SER B 366 -8.78 0.09 -6.17
N LEU B 367 -8.30 0.96 -7.04
CA LEU B 367 -7.61 2.15 -6.59
C LEU B 367 -8.50 2.96 -5.66
N TYR B 368 -9.73 3.24 -6.11
CA TYR B 368 -10.64 4.03 -5.29
C TYR B 368 -11.03 3.29 -4.01
N SER B 369 -11.27 1.99 -4.12
CA SER B 369 -11.75 1.25 -2.95
C SER B 369 -10.72 1.27 -1.85
N GLN B 370 -9.45 1.11 -2.20
CA GLN B 370 -8.40 0.95 -1.21
C GLN B 370 -7.77 2.25 -0.76
N PHE B 371 -7.92 3.34 -1.51
CA PHE B 371 -7.17 4.54 -1.17
C PHE B 371 -7.99 5.81 -1.01
N LEU B 372 -9.19 5.89 -1.57
CA LEU B 372 -9.90 7.16 -1.67
C LEU B 372 -11.20 7.12 -0.90
N ALA B 373 -11.79 8.32 -0.74
CA ALA B 373 -13.01 8.51 0.03
C ALA B 373 -14.20 8.86 -0.84
N VAL B 374 -14.06 8.78 -2.15
CA VAL B 374 -15.16 8.94 -3.09
C VAL B 374 -15.27 7.70 -3.94
N GLU B 375 -16.42 7.57 -4.60
CA GLU B 375 -16.63 6.44 -5.50
C GLU B 375 -16.12 6.80 -6.88
N PRO B 376 -15.65 5.82 -7.64
CA PRO B 376 -15.31 6.12 -9.03
C PRO B 376 -16.57 6.52 -9.80
N SER B 377 -16.40 7.48 -10.69
CA SER B 377 -17.52 7.95 -11.50
C SER B 377 -16.98 8.48 -12.81
N GLY B 378 -17.85 8.56 -13.81
CA GLY B 378 -17.51 9.23 -15.05
C GLY B 378 -16.66 8.34 -15.94
N THR B 379 -15.90 9.01 -16.82
CA THR B 379 -15.27 8.35 -17.96
C THR B 379 -13.93 9.00 -18.19
N TYR B 380 -12.86 8.21 -18.14
CA TYR B 380 -11.50 8.76 -18.28
C TYR B 380 -10.77 8.27 -19.51
N TRP B 381 -11.37 7.36 -20.28
CA TRP B 381 -10.82 6.92 -21.56
C TRP B 381 -12.00 6.41 -22.38
N ILE B 382 -11.82 6.37 -23.69
CA ILE B 382 -12.88 5.86 -24.56
C ILE B 382 -12.27 5.42 -25.88
N GLU B 383 -12.91 4.43 -26.51
CA GLU B 383 -12.55 4.00 -27.86
C GLU B 383 -13.57 4.57 -28.83
N ALA B 384 -13.07 5.07 -29.96
CA ALA B 384 -13.95 5.57 -31.00
C ALA B 384 -14.82 4.42 -31.50
N LYS B 385 -16.11 4.66 -31.61
CA LYS B 385 -17.05 3.62 -32.02
C LYS B 385 -18.15 4.17 -32.92
#